data_3I5D
#
_entry.id   3I5D
#
_cell.length_a   234.910
_cell.length_b   234.910
_cell.length_c   138.433
_cell.angle_alpha   90.000
_cell.angle_beta   90.000
_cell.angle_gamma   120.000
#
_symmetry.space_group_name_H-M   'H 3'
#
loop_
_entity.id
_entity.type
_entity.pdbx_description
1 polymer 'P2X purinoceptor'
2 branched 2-acetamido-2-deoxy-beta-D-glucopyranose-(1-4)-2-acetamido-2-deoxy-beta-D-glucopyranose
3 non-polymer 2-acetamido-2-deoxy-beta-D-glucopyranose
#
_entity_poly.entity_id   1
_entity_poly.type   'polypeptide(L)'
_entity_poly.pdbx_seq_one_letter_code
;GSSKKVGTLNRFTQALVIAYVIGYVCVYNKGYQDTDTVLSSVTTKVKGIALTNTSELGERIWDVADYIIPPQEDGSFFVL
TNMIITTNQTQSKCAENPTPASTCTSHRDCKRGFNDARGDGVRTGRCVSYSASVKTCEVLSWCPLEKIVDPPNPPLLADA
ENFTVLIKNNIRYPKFNFNKRNILPNINSSYLTHCVFSRKTDPDCPIFRLGDIVGEAEEDFQIMAVRGGVMGVQIRWDCD
LDMPQSWCVPRYTFRRLDNKDPDNNVAPGYNFRFAKYYKNSDGTETRTLIKGYGIRFDVMVFGQAGKFNIIPTLLNIGAG
LALLGLVNVICDWIVLTFMKRKQHYKEQKYTYVDDF
;
_entity_poly.pdbx_strand_id   A,B,C
#
# COMPACT_ATOMS: atom_id res chain seq x y z
N ARG A 11 -12.80 -51.44 -25.55
CA ARG A 11 -13.74 -50.44 -26.02
C ARG A 11 -14.44 -49.78 -24.84
N PHE A 12 -14.37 -50.43 -23.69
CA PHE A 12 -14.98 -49.93 -22.45
C PHE A 12 -14.10 -48.89 -21.73
N THR A 13 -12.80 -49.13 -21.67
CA THR A 13 -11.87 -48.19 -21.06
C THR A 13 -11.70 -46.95 -21.95
N GLN A 14 -11.76 -47.15 -23.26
CA GLN A 14 -11.66 -46.06 -24.22
C GLN A 14 -12.85 -45.09 -24.12
N ALA A 15 -14.01 -45.61 -23.72
CA ALA A 15 -15.18 -44.77 -23.48
C ALA A 15 -15.12 -44.15 -22.08
N LEU A 16 -14.25 -44.69 -21.24
CA LEU A 16 -14.04 -44.17 -19.89
C LEU A 16 -13.09 -42.97 -19.84
N VAL A 17 -11.98 -43.07 -20.56
CA VAL A 17 -11.02 -41.98 -20.64
C VAL A 17 -11.55 -40.80 -21.45
N ILE A 18 -12.36 -41.07 -22.47
CA ILE A 18 -13.01 -39.99 -23.24
C ILE A 18 -14.00 -39.24 -22.35
N ALA A 19 -14.68 -39.96 -21.45
CA ALA A 19 -15.61 -39.33 -20.51
C ALA A 19 -14.85 -38.78 -19.31
N TYR A 20 -13.58 -39.16 -19.19
CA TYR A 20 -12.71 -38.70 -18.11
C TYR A 20 -12.05 -37.37 -18.44
N VAL A 21 -11.60 -37.22 -19.68
CA VAL A 21 -10.98 -35.97 -20.12
C VAL A 21 -12.03 -34.92 -20.49
N ILE A 22 -12.87 -35.21 -21.47
CA ILE A 22 -13.89 -34.25 -21.90
C ILE A 22 -14.90 -34.00 -20.78
N GLY A 23 -15.29 -35.07 -20.08
CA GLY A 23 -16.32 -34.98 -19.06
C GLY A 23 -15.86 -34.47 -17.72
N TYR A 24 -14.70 -34.93 -17.28
CA TYR A 24 -14.18 -34.58 -15.97
C TYR A 24 -13.24 -33.37 -15.97
N VAL A 25 -12.11 -33.52 -16.66
CA VAL A 25 -11.06 -32.51 -16.61
C VAL A 25 -11.33 -31.31 -17.50
N CYS A 26 -12.43 -31.32 -18.24
CA CYS A 26 -12.71 -30.22 -19.16
C CYS A 26 -14.02 -29.47 -18.88
N VAL A 27 -14.66 -29.82 -17.77
CA VAL A 27 -15.81 -29.04 -17.32
C VAL A 27 -15.71 -28.82 -15.81
N TYR A 28 -15.43 -29.90 -15.08
CA TYR A 28 -15.10 -29.84 -13.64
C TYR A 28 -13.76 -29.17 -13.29
N ASN A 29 -12.71 -29.51 -14.04
CA ASN A 29 -11.41 -28.87 -13.93
C ASN A 29 -11.21 -27.78 -14.98
N LYS A 30 -12.03 -27.80 -16.03
CA LYS A 30 -11.97 -26.78 -17.07
C LYS A 30 -10.55 -26.54 -17.58
N GLY A 31 -9.82 -27.62 -17.86
CA GLY A 31 -8.41 -27.55 -18.23
C GLY A 31 -8.09 -27.06 -19.63
N TYR A 32 -9.12 -26.73 -20.41
CA TYR A 32 -8.95 -26.26 -21.79
C TYR A 32 -8.74 -24.74 -21.87
N GLN A 33 -8.74 -24.09 -20.70
CA GLN A 33 -8.56 -22.64 -20.61
C GLN A 33 -7.11 -22.27 -20.26
N ASP A 34 -6.66 -21.09 -20.69
CA ASP A 34 -5.39 -20.52 -20.22
C ASP A 34 -5.66 -19.60 -19.02
N THR A 35 -4.82 -19.67 -17.98
CA THR A 35 -5.06 -18.88 -16.75
C THR A 35 -4.46 -17.46 -16.79
N ASP A 36 -5.02 -16.56 -15.98
CA ASP A 36 -4.48 -15.20 -15.82
C ASP A 36 -4.92 -14.55 -14.50
N THR A 37 -3.95 -14.07 -13.73
CA THR A 37 -4.21 -13.43 -12.44
C THR A 37 -4.65 -11.98 -12.61
N VAL A 38 -5.31 -11.46 -11.59
CA VAL A 38 -5.91 -10.13 -11.69
C VAL A 38 -4.94 -9.00 -11.39
N LEU A 39 -5.01 -7.94 -12.18
CA LEU A 39 -4.42 -6.66 -11.81
C LEU A 39 -5.53 -5.83 -11.18
N SER A 40 -5.38 -5.43 -9.92
CA SER A 40 -6.46 -4.75 -9.20
C SER A 40 -6.16 -3.30 -8.84
N SER A 41 -7.21 -2.55 -8.57
CA SER A 41 -7.11 -1.20 -8.06
C SER A 41 -8.40 -0.86 -7.34
N VAL A 42 -8.30 -0.38 -6.10
CA VAL A 42 -9.48 -0.09 -5.29
C VAL A 42 -9.52 1.35 -4.82
N THR A 43 -10.67 1.74 -4.28
CA THR A 43 -10.92 3.11 -3.84
C THR A 43 -12.02 3.04 -2.80
N THR A 44 -11.75 3.59 -1.63
CA THR A 44 -12.73 3.58 -0.55
C THR A 44 -13.15 5.01 -0.21
N LYS A 45 -14.38 5.18 0.26
CA LYS A 45 -14.76 6.44 0.92
C LYS A 45 -15.75 6.14 2.04
N VAL A 46 -15.31 6.39 3.27
CA VAL A 46 -16.12 6.15 4.44
C VAL A 46 -16.99 7.36 4.77
N LYS A 47 -18.27 7.11 5.03
CA LYS A 47 -19.17 8.17 5.43
C LYS A 47 -19.84 7.87 6.78
N GLY A 48 -19.87 8.88 7.63
CA GLY A 48 -20.53 8.79 8.93
C GLY A 48 -20.07 9.91 9.84
N ILE A 49 -20.75 10.07 10.98
CA ILE A 49 -20.22 10.89 12.07
C ILE A 49 -20.56 10.25 13.40
N ALA A 50 -19.81 10.65 14.43
CA ALA A 50 -19.95 10.03 15.74
C ALA A 50 -19.83 11.08 16.83
N LEU A 51 -20.67 10.94 17.86
CA LEU A 51 -20.71 11.83 19.02
C LEU A 51 -20.07 11.18 20.25
N THR A 52 -19.40 11.96 21.08
CA THR A 52 -18.85 11.45 22.34
C THR A 52 -19.07 12.41 23.49
N ASN A 53 -19.78 11.94 24.51
CA ASN A 53 -19.82 12.64 25.80
C ASN A 53 -18.66 12.17 26.66
N THR A 54 -17.48 12.75 26.42
CA THR A 54 -16.32 12.42 27.23
C THR A 54 -16.64 12.76 28.68
N SER A 55 -15.79 12.31 29.59
CA SER A 55 -16.01 12.56 31.00
C SER A 55 -16.14 14.06 31.25
N GLU A 56 -15.05 14.79 31.05
CA GLU A 56 -15.04 16.22 31.32
C GLU A 56 -15.31 17.06 30.06
N LEU A 57 -14.72 16.63 28.94
CA LEU A 57 -14.73 17.40 27.69
C LEU A 57 -16.13 17.65 27.12
N GLY A 58 -17.11 16.89 27.60
CA GLY A 58 -18.48 17.06 27.16
C GLY A 58 -18.71 16.64 25.71
N GLU A 59 -19.96 16.72 25.27
CA GLU A 59 -20.34 16.39 23.90
C GLU A 59 -19.30 16.85 22.89
N ARG A 60 -18.98 15.97 21.94
CA ARG A 60 -17.96 16.23 20.92
C ARG A 60 -18.19 15.38 19.67
N ILE A 61 -17.96 15.96 18.50
CA ILE A 61 -18.17 15.25 17.24
C ILE A 61 -16.89 14.87 16.54
N TRP A 62 -16.91 13.72 15.88
CA TRP A 62 -15.75 13.20 15.18
C TRP A 62 -16.20 12.84 13.79
N ASP A 63 -15.87 13.66 12.80
CA ASP A 63 -16.37 13.35 11.47
C ASP A 63 -15.51 12.33 10.78
N VAL A 64 -15.94 11.07 10.89
CA VAL A 64 -15.24 9.91 10.34
C VAL A 64 -14.51 10.25 9.05
N ALA A 65 -15.05 11.19 8.28
CA ALA A 65 -14.33 11.66 7.12
C ALA A 65 -12.95 12.14 7.59
N ASP A 66 -12.91 13.27 8.28
CA ASP A 66 -11.64 13.95 8.54
C ASP A 66 -11.00 13.58 9.85
N TYR A 67 -11.81 13.49 10.90
CA TYR A 67 -11.27 13.32 12.23
C TYR A 67 -11.06 11.83 12.56
N ILE A 68 -11.77 10.95 11.86
CA ILE A 68 -11.80 9.54 12.23
C ILE A 68 -10.84 8.63 11.50
N ILE A 69 -10.29 9.10 10.39
CA ILE A 69 -9.49 8.19 9.57
C ILE A 69 -8.03 8.63 9.38
N PRO A 70 -7.14 8.21 10.30
CA PRO A 70 -5.70 8.40 10.19
C PRO A 70 -5.00 7.23 9.51
N PRO A 71 -4.36 7.47 8.37
CA PRO A 71 -4.56 8.67 7.58
C PRO A 71 -5.46 8.18 6.48
N GLN A 72 -5.39 8.75 5.28
CA GLN A 72 -6.26 8.33 4.19
C GLN A 72 -5.51 7.49 3.16
N GLU A 73 -5.35 6.21 3.47
CA GLU A 73 -4.57 5.27 2.66
C GLU A 73 -5.21 4.90 1.32
N ASP A 74 -4.44 4.17 0.51
CA ASP A 74 -4.83 3.78 -0.84
C ASP A 74 -5.96 2.74 -0.89
N GLY A 75 -5.58 1.47 -0.90
CA GLY A 75 -6.52 0.37 -0.79
C GLY A 75 -7.17 0.31 0.58
N SER A 76 -6.45 -0.24 1.55
CA SER A 76 -6.95 -0.36 2.93
C SER A 76 -7.23 0.98 3.63
N PHE A 77 -7.98 0.94 4.73
CA PHE A 77 -8.30 2.14 5.51
C PHE A 77 -8.58 1.82 6.97
N PHE A 78 -8.43 2.83 7.83
CA PHE A 78 -8.47 2.60 9.26
C PHE A 78 -9.40 3.54 10.00
N VAL A 79 -10.39 2.94 10.65
CA VAL A 79 -11.44 3.66 11.34
C VAL A 79 -11.18 3.71 12.84
N LEU A 80 -10.99 4.91 13.35
CA LEU A 80 -10.76 5.12 14.76
C LEU A 80 -12.04 4.78 15.53
N THR A 81 -11.92 3.95 16.56
CA THR A 81 -13.09 3.51 17.33
C THR A 81 -12.98 3.78 18.82
N ASN A 82 -11.74 3.79 19.33
CA ASN A 82 -11.45 4.00 20.76
C ASN A 82 -10.11 4.73 20.91
N MET A 83 -9.86 5.28 22.09
CA MET A 83 -8.67 6.14 22.27
C MET A 83 -8.32 6.48 23.72
N ILE A 84 -7.06 6.85 23.93
CA ILE A 84 -6.59 7.36 25.21
C ILE A 84 -5.75 8.58 24.93
N ILE A 85 -6.30 9.75 25.24
CA ILE A 85 -5.72 11.02 24.82
C ILE A 85 -4.87 11.66 25.90
N THR A 86 -3.58 11.84 25.62
CA THR A 86 -2.67 12.54 26.51
C THR A 86 -2.41 13.94 25.96
N THR A 87 -2.67 14.97 26.75
CA THR A 87 -2.61 16.34 26.25
C THR A 87 -1.49 17.21 26.84
N ASN A 88 -1.29 18.39 26.26
CA ASN A 88 -0.33 19.35 26.81
C ASN A 88 1.04 18.73 26.99
N GLN A 89 1.44 17.85 26.08
CA GLN A 89 2.78 17.28 26.11
C GLN A 89 3.80 18.31 25.63
N THR A 90 4.95 18.33 26.28
CA THR A 90 6.04 19.25 25.94
C THR A 90 7.36 18.57 26.22
N GLN A 91 8.40 18.96 25.51
CA GLN A 91 9.74 18.44 25.77
C GLN A 91 10.18 18.87 27.16
N SER A 92 10.39 17.89 28.05
CA SER A 92 10.72 18.17 29.44
C SER A 92 11.18 16.92 30.17
N LYS A 93 11.58 17.04 31.43
CA LYS A 93 11.91 15.90 32.26
C LYS A 93 10.76 15.57 33.23
N CYS A 94 10.79 14.37 33.80
CA CYS A 94 9.73 13.92 34.72
C CYS A 94 9.91 12.47 35.15
N ALA A 95 9.08 12.03 36.10
CA ALA A 95 9.23 10.68 36.66
C ALA A 95 8.72 9.62 35.70
N GLU A 96 9.43 8.50 35.62
CA GLU A 96 8.95 7.35 34.87
C GLU A 96 7.72 6.79 35.55
N ASN A 97 7.13 5.77 34.97
CA ASN A 97 6.02 5.07 35.59
C ASN A 97 6.55 4.02 36.55
N PRO A 98 5.86 3.82 37.69
CA PRO A 98 6.28 2.82 38.67
C PRO A 98 6.43 1.44 38.06
N THR A 99 7.61 0.84 38.23
CA THR A 99 7.93 -0.46 37.66
C THR A 99 9.19 -1.01 38.30
N PRO A 100 9.21 -2.32 38.57
CA PRO A 100 10.38 -2.97 39.18
C PRO A 100 11.69 -2.53 38.53
N ALA A 101 11.68 -2.35 37.21
CA ALA A 101 12.88 -1.96 36.48
C ALA A 101 13.15 -0.46 36.60
N SER A 102 12.08 0.32 36.76
CA SER A 102 12.17 1.77 36.80
C SER A 102 12.35 2.35 38.20
N THR A 103 11.84 1.65 39.21
CA THR A 103 11.91 2.12 40.59
C THR A 103 13.34 2.31 41.04
N CYS A 104 13.55 3.29 41.90
CA CYS A 104 14.88 3.61 42.39
C CYS A 104 14.86 4.02 43.85
N THR A 105 15.94 3.74 44.56
CA THR A 105 16.11 4.14 45.94
C THR A 105 16.81 5.49 46.05
N SER A 106 17.62 5.81 45.05
CA SER A 106 18.41 7.06 45.07
C SER A 106 19.12 7.31 43.75
N HIS A 107 19.90 8.39 43.73
CA HIS A 107 20.64 8.83 42.54
C HIS A 107 21.52 7.73 41.94
N ARG A 108 21.83 6.71 42.75
CA ARG A 108 22.72 5.65 42.34
C ARG A 108 22.09 4.69 41.34
N ASP A 109 20.78 4.44 41.47
CA ASP A 109 20.09 3.48 40.61
C ASP A 109 19.86 4.02 39.19
N CYS A 110 19.61 5.32 39.09
CA CYS A 110 19.38 5.96 37.81
C CYS A 110 20.68 6.20 37.04
N LYS A 111 20.84 5.48 35.94
CA LYS A 111 22.00 5.58 35.06
C LYS A 111 21.64 6.40 33.81
N ARG A 112 22.43 7.44 33.51
CA ARG A 112 22.09 8.39 32.44
C ARG A 112 22.14 7.84 31.00
N GLY A 113 21.02 7.90 30.29
CA GLY A 113 20.90 7.33 28.96
C GLY A 113 20.36 5.90 28.91
N PHE A 114 20.87 5.02 29.77
CA PHE A 114 20.61 3.60 29.66
C PHE A 114 19.23 3.20 30.16
N ASN A 115 18.92 3.65 31.36
CA ASN A 115 17.62 3.42 31.94
C ASN A 115 16.55 4.16 31.13
N ASP A 116 17.02 4.91 30.12
CA ASP A 116 16.18 5.67 29.21
C ASP A 116 15.34 4.78 28.29
N ALA A 117 16.02 4.03 27.41
CA ALA A 117 15.35 3.17 26.44
C ALA A 117 14.03 2.50 26.92
N ARG A 118 14.00 2.01 28.16
CA ARG A 118 12.89 1.18 28.64
C ARG A 118 11.49 1.86 28.75
N GLY A 119 11.41 2.89 29.58
CA GLY A 119 10.11 3.50 29.90
C GLY A 119 9.64 4.63 29.01
N ASP A 120 9.99 4.61 27.72
CA ASP A 120 9.52 5.64 26.80
C ASP A 120 9.91 7.08 27.18
N GLY A 121 11.20 7.27 27.48
CA GLY A 121 11.78 8.57 27.80
C GLY A 121 13.23 8.31 28.16
N VAL A 122 14.11 9.29 27.94
CA VAL A 122 15.54 9.09 28.29
C VAL A 122 15.87 9.49 29.72
N ARG A 123 16.63 8.64 30.39
CA ARG A 123 16.90 8.81 31.81
C ARG A 123 18.03 9.75 32.07
N THR A 124 17.75 10.80 32.81
CA THR A 124 18.83 11.58 33.35
C THR A 124 19.21 10.91 34.66
N GLY A 125 20.49 10.98 35.03
CA GLY A 125 20.97 10.30 36.22
C GLY A 125 20.16 10.57 37.48
N ARG A 126 19.48 11.72 37.51
CA ARG A 126 18.68 12.13 38.67
C ARG A 126 17.58 11.12 39.02
N CYS A 127 17.33 10.93 40.32
CA CYS A 127 16.21 10.14 40.82
C CYS A 127 15.17 11.03 41.49
N VAL A 128 13.91 10.89 41.05
CA VAL A 128 12.84 11.71 41.58
C VAL A 128 11.65 10.88 42.03
N SER A 129 10.78 11.52 42.78
CA SER A 129 9.58 10.89 43.30
C SER A 129 8.47 10.92 42.27
N TYR A 130 7.90 9.75 41.99
CA TYR A 130 6.74 9.63 41.11
C TYR A 130 5.53 10.12 41.87
N SER A 131 5.64 10.09 43.19
CA SER A 131 4.59 10.54 44.09
C SER A 131 5.22 10.64 45.48
N ALA A 132 4.41 10.92 46.49
CA ALA A 132 4.92 11.01 47.85
C ALA A 132 5.43 9.66 48.37
N SER A 133 4.66 8.59 48.13
CA SER A 133 4.98 7.28 48.68
C SER A 133 6.08 6.52 47.93
N VAL A 134 6.24 6.82 46.64
CA VAL A 134 7.21 6.10 45.81
C VAL A 134 8.08 7.04 44.98
N LYS A 135 9.21 6.51 44.53
CA LYS A 135 10.17 7.29 43.76
C LYS A 135 10.79 6.43 42.66
N THR A 136 11.02 7.07 41.51
CA THR A 136 11.48 6.36 40.31
C THR A 136 12.31 7.28 39.44
N CYS A 137 13.07 6.70 38.52
CA CYS A 137 14.03 7.44 37.69
C CYS A 137 13.44 8.55 36.83
N GLU A 138 14.04 9.73 36.91
CA GLU A 138 13.64 10.85 36.08
C GLU A 138 14.07 10.64 34.64
N VAL A 139 13.18 10.99 33.72
CA VAL A 139 13.46 10.85 32.32
C VAL A 139 13.01 12.09 31.59
N LEU A 140 13.81 12.53 30.62
CA LEU A 140 13.37 13.58 29.73
C LEU A 140 12.63 12.89 28.61
N SER A 141 11.61 13.54 28.06
CA SER A 141 10.64 12.87 27.21
C SER A 141 9.52 13.85 26.90
N TRP A 142 8.47 13.37 26.24
CA TRP A 142 7.25 14.14 26.08
C TRP A 142 6.46 14.00 27.38
N CYS A 143 6.29 15.11 28.09
CA CYS A 143 5.73 15.11 29.44
C CYS A 143 4.51 16.03 29.57
N PRO A 144 3.52 15.61 30.36
CA PRO A 144 3.55 14.43 31.24
C PRO A 144 3.41 13.14 30.45
N LEU A 145 3.83 12.07 31.08
CA LEU A 145 3.75 10.76 30.46
C LEU A 145 2.32 10.37 30.13
N GLU A 146 2.16 9.34 29.33
CA GLU A 146 0.85 8.82 29.06
C GLU A 146 0.50 7.97 30.24
N LYS A 147 -0.64 8.25 30.87
CA LYS A 147 -1.06 7.46 32.02
C LYS A 147 -1.25 6.02 31.57
N ILE A 148 -0.95 5.06 32.45
CA ILE A 148 -1.18 3.65 32.12
C ILE A 148 -2.59 3.24 32.55
N VAL A 149 -3.49 3.17 31.58
CA VAL A 149 -4.89 2.88 31.87
C VAL A 149 -5.50 2.08 30.73
N ASP A 150 -6.59 1.39 31.01
CA ASP A 150 -7.27 0.59 29.99
C ASP A 150 -8.14 1.50 29.10
N PRO A 151 -8.42 1.06 27.87
CA PRO A 151 -9.21 1.87 26.95
C PRO A 151 -10.65 1.89 27.39
N PRO A 152 -11.38 2.97 27.09
CA PRO A 152 -12.78 3.11 27.51
C PRO A 152 -13.66 2.00 26.99
N ASN A 153 -14.71 1.69 27.73
CA ASN A 153 -15.70 0.70 27.32
C ASN A 153 -17.07 1.07 27.86
N PRO A 154 -18.06 1.19 26.96
CA PRO A 154 -17.96 0.99 25.51
C PRO A 154 -17.00 1.96 24.82
N PRO A 155 -16.68 1.71 23.54
CA PRO A 155 -15.75 2.57 22.79
C PRO A 155 -16.34 3.95 22.60
N LEU A 156 -15.50 4.98 22.54
CA LEU A 156 -16.01 6.34 22.36
C LEU A 156 -16.66 6.50 21.01
N LEU A 157 -15.94 6.07 19.99
CA LEU A 157 -16.46 6.14 18.64
C LEU A 157 -17.28 4.89 18.36
N ALA A 158 -18.18 4.56 19.30
CA ALA A 158 -19.04 3.39 19.16
C ALA A 158 -20.05 3.58 18.04
N ASP A 159 -20.30 4.84 17.68
CA ASP A 159 -21.19 5.17 16.57
C ASP A 159 -20.64 4.66 15.23
N ALA A 160 -19.41 4.14 15.29
CA ALA A 160 -18.70 3.64 14.13
C ALA A 160 -19.41 2.48 13.45
N GLU A 161 -20.15 1.70 14.23
CA GLU A 161 -20.79 0.49 13.70
C GLU A 161 -21.62 0.87 12.50
N ASN A 162 -22.30 2.00 12.65
CA ASN A 162 -23.30 2.51 11.70
C ASN A 162 -22.69 3.29 10.54
N PHE A 163 -21.37 3.36 10.47
CA PHE A 163 -20.72 3.99 9.32
C PHE A 163 -20.86 3.14 8.09
N THR A 164 -20.52 3.72 6.96
CA THR A 164 -20.62 2.98 5.73
C THR A 164 -19.49 3.35 4.78
N VAL A 165 -18.92 2.32 4.15
CA VAL A 165 -17.82 2.52 3.24
C VAL A 165 -18.16 2.14 1.80
N LEU A 166 -18.02 3.10 0.90
CA LEU A 166 -18.11 2.84 -0.52
C LEU A 166 -16.80 2.27 -1.03
N ILE A 167 -16.90 1.13 -1.70
CA ILE A 167 -15.72 0.43 -2.18
C ILE A 167 -15.82 0.26 -3.69
N LYS A 168 -15.03 1.05 -4.43
CA LYS A 168 -14.97 0.93 -5.87
C LYS A 168 -13.80 0.00 -6.20
N ASN A 169 -13.98 -0.87 -7.20
CA ASN A 169 -12.92 -1.79 -7.58
C ASN A 169 -12.87 -2.03 -9.10
N ASN A 170 -11.91 -1.40 -9.75
CA ASN A 170 -11.64 -1.64 -11.16
C ASN A 170 -10.59 -2.74 -11.30
N ILE A 171 -10.87 -3.75 -12.12
CA ILE A 171 -9.88 -4.81 -12.36
C ILE A 171 -9.68 -5.08 -13.84
N ARG A 172 -8.53 -5.65 -14.17
CA ARG A 172 -8.19 -5.98 -15.56
C ARG A 172 -7.36 -7.26 -15.65
N TYR A 173 -7.62 -8.06 -16.69
CA TYR A 173 -6.77 -9.20 -17.01
C TYR A 173 -5.89 -8.86 -18.21
N PRO A 174 -4.60 -8.65 -17.96
CA PRO A 174 -3.65 -8.22 -18.98
C PRO A 174 -3.67 -9.14 -20.20
N LYS A 175 -3.53 -10.45 -19.97
CA LYS A 175 -3.45 -11.42 -21.06
C LYS A 175 -4.64 -11.32 -22.02
N PHE A 176 -5.85 -11.31 -21.47
CA PHE A 176 -7.06 -11.27 -22.28
C PHE A 176 -7.55 -9.86 -22.62
N ASN A 177 -6.70 -8.87 -22.43
CA ASN A 177 -7.09 -7.48 -22.68
C ASN A 177 -8.55 -7.25 -22.31
N PHE A 178 -8.91 -7.65 -21.10
CA PHE A 178 -10.29 -7.56 -20.65
C PHE A 178 -10.34 -6.92 -19.27
N ASN A 179 -11.32 -6.05 -19.05
CA ASN A 179 -11.47 -5.41 -17.74
C ASN A 179 -12.93 -5.10 -17.37
N LYS A 180 -13.22 -5.12 -16.06
CA LYS A 180 -14.56 -4.90 -15.50
C LYS A 180 -14.51 -4.15 -14.15
N ARG A 181 -15.61 -3.50 -13.77
CA ARG A 181 -15.69 -2.77 -12.51
C ARG A 181 -16.82 -3.31 -11.62
N ASN A 182 -16.61 -3.29 -10.31
CA ASN A 182 -17.57 -3.86 -9.36
C ASN A 182 -18.92 -3.15 -9.34
N ILE A 183 -19.02 -2.04 -10.07
CA ILE A 183 -20.30 -1.40 -10.27
C ILE A 183 -20.85 -1.81 -11.63
N LEU A 184 -21.76 -2.79 -11.62
CA LEU A 184 -22.32 -3.32 -12.86
C LEU A 184 -23.11 -2.27 -13.62
N PRO A 185 -23.13 -2.38 -14.97
CA PRO A 185 -23.72 -1.38 -15.86
C PRO A 185 -25.23 -1.26 -15.71
N ASN A 186 -25.85 -2.33 -15.23
CA ASN A 186 -27.29 -2.36 -15.02
C ASN A 186 -27.65 -1.72 -13.68
N ILE A 187 -27.09 -0.55 -13.39
CA ILE A 187 -27.35 0.07 -12.09
C ILE A 187 -27.59 1.58 -12.13
N ASN A 188 -28.73 2.00 -11.59
CA ASN A 188 -29.10 3.40 -11.44
C ASN A 188 -28.12 4.14 -10.55
N SER A 189 -27.93 5.43 -10.79
CA SER A 189 -27.07 6.25 -9.93
C SER A 189 -27.81 6.65 -8.66
N SER A 190 -29.11 6.92 -8.80
CA SER A 190 -29.94 7.18 -7.63
C SER A 190 -29.99 5.93 -6.74
N TYR A 191 -29.76 4.76 -7.33
CA TYR A 191 -29.76 3.54 -6.55
C TYR A 191 -28.61 3.57 -5.53
N LEU A 192 -27.42 3.91 -6.03
CA LEU A 192 -26.24 3.97 -5.19
C LEU A 192 -26.27 5.19 -4.27
N THR A 193 -27.28 6.04 -4.44
CA THR A 193 -27.48 7.19 -3.58
C THR A 193 -27.85 6.80 -2.14
N HIS A 194 -28.48 5.64 -1.96
CA HIS A 194 -28.94 5.26 -0.62
C HIS A 194 -28.99 3.75 -0.42
N CYS A 195 -28.58 2.98 -1.42
CA CYS A 195 -28.50 1.53 -1.23
C CYS A 195 -27.47 1.20 -0.16
N VAL A 196 -27.55 -0.01 0.39
CA VAL A 196 -26.57 -0.54 1.32
C VAL A 196 -26.54 -2.05 1.19
N PHE A 197 -25.35 -2.57 0.95
CA PHE A 197 -25.16 -3.99 0.73
C PHE A 197 -25.83 -4.90 1.74
N SER A 198 -26.33 -6.02 1.23
CA SER A 198 -26.89 -7.11 2.04
C SER A 198 -27.00 -8.31 1.12
N ARG A 199 -26.53 -9.47 1.59
CA ARG A 199 -26.48 -10.65 0.74
C ARG A 199 -27.84 -10.92 0.09
N LYS A 200 -28.89 -10.80 0.90
CA LYS A 200 -30.26 -11.07 0.48
C LYS A 200 -30.80 -10.06 -0.54
N THR A 201 -31.26 -8.92 -0.03
CA THR A 201 -31.93 -7.92 -0.87
C THR A 201 -31.03 -7.26 -1.93
N ASP A 202 -30.03 -6.49 -1.51
CA ASP A 202 -29.16 -5.74 -2.43
C ASP A 202 -27.74 -6.31 -2.48
N PRO A 203 -27.49 -7.28 -3.38
CA PRO A 203 -26.19 -7.93 -3.50
C PRO A 203 -25.20 -7.16 -4.37
N ASP A 204 -25.71 -6.20 -5.13
CA ASP A 204 -24.90 -5.43 -6.07
C ASP A 204 -24.61 -4.03 -5.55
N CYS A 205 -24.91 -3.80 -4.29
CA CYS A 205 -24.66 -2.51 -3.67
C CYS A 205 -23.26 -2.46 -3.04
N PRO A 206 -22.34 -1.68 -3.66
CA PRO A 206 -20.93 -1.62 -3.26
C PRO A 206 -20.71 -0.77 -2.02
N ILE A 207 -21.78 -0.24 -1.43
CA ILE A 207 -21.66 0.53 -0.21
C ILE A 207 -21.95 -0.39 0.97
N PHE A 208 -20.92 -0.80 1.70
CA PHE A 208 -21.14 -1.70 2.84
C PHE A 208 -21.18 -0.94 4.16
N ARG A 209 -22.10 -1.31 5.04
CA ARG A 209 -22.07 -0.80 6.41
C ARG A 209 -20.95 -1.51 7.14
N LEU A 210 -20.31 -0.79 8.05
CA LEU A 210 -19.17 -1.36 8.76
C LEU A 210 -19.62 -2.54 9.64
N GLY A 211 -20.61 -2.31 10.51
CA GLY A 211 -21.16 -3.36 11.33
C GLY A 211 -21.48 -4.63 10.55
N ASP A 212 -22.17 -4.48 9.41
CA ASP A 212 -22.51 -5.62 8.57
C ASP A 212 -21.26 -6.36 8.14
N ILE A 213 -20.20 -5.61 7.87
CA ILE A 213 -18.94 -6.21 7.45
C ILE A 213 -18.41 -7.09 8.57
N VAL A 214 -18.33 -6.54 9.78
CA VAL A 214 -17.82 -7.26 10.92
C VAL A 214 -18.75 -8.42 11.27
N GLY A 215 -20.06 -8.14 11.25
CA GLY A 215 -21.05 -9.14 11.53
C GLY A 215 -20.86 -10.34 10.63
N GLU A 216 -21.06 -10.13 9.33
CA GLU A 216 -20.94 -11.18 8.33
C GLU A 216 -19.76 -12.09 8.60
N ALA A 217 -18.71 -11.53 9.20
CA ALA A 217 -17.47 -12.24 9.46
C ALA A 217 -17.55 -13.04 10.74
N GLU A 218 -18.76 -13.11 11.31
CA GLU A 218 -18.99 -13.84 12.55
C GLU A 218 -18.25 -13.19 13.72
N GLU A 219 -18.38 -11.88 13.85
CA GLU A 219 -17.72 -11.17 14.92
C GLU A 219 -18.64 -10.11 15.43
N ASP A 220 -18.18 -9.33 16.40
CA ASP A 220 -19.04 -8.28 16.94
C ASP A 220 -18.39 -6.92 17.02
N PHE A 221 -18.94 -5.97 16.26
CA PHE A 221 -18.33 -4.66 16.13
C PHE A 221 -18.07 -3.99 17.47
N GLN A 222 -18.98 -4.13 18.41
CA GLN A 222 -18.83 -3.44 19.68
C GLN A 222 -17.76 -4.06 20.61
N ILE A 223 -17.57 -5.37 20.54
CA ILE A 223 -16.52 -5.98 21.35
C ILE A 223 -15.17 -5.74 20.69
N MET A 224 -15.13 -5.79 19.37
CA MET A 224 -13.90 -5.55 18.62
C MET A 224 -13.42 -4.12 18.82
N ALA A 225 -14.28 -3.17 18.44
CA ALA A 225 -13.95 -1.75 18.41
C ALA A 225 -13.39 -1.18 19.70
N VAL A 226 -13.30 -2.00 20.74
CA VAL A 226 -12.82 -1.48 22.01
C VAL A 226 -11.30 -1.52 22.02
N ARG A 227 -10.74 -2.65 21.58
CA ARG A 227 -9.30 -2.80 21.57
C ARG A 227 -8.71 -2.87 20.14
N GLY A 228 -9.59 -2.90 19.15
CA GLY A 228 -9.19 -2.88 17.76
C GLY A 228 -9.00 -4.23 17.12
N GLY A 229 -8.89 -4.23 15.79
CA GLY A 229 -8.64 -5.45 15.04
C GLY A 229 -8.50 -5.13 13.57
N VAL A 230 -8.32 -6.15 12.72
CA VAL A 230 -8.25 -5.94 11.28
C VAL A 230 -9.16 -6.87 10.51
N MET A 231 -10.01 -6.26 9.69
CA MET A 231 -11.00 -6.97 8.90
C MET A 231 -10.54 -7.14 7.47
N GLY A 232 -10.56 -8.37 6.97
CA GLY A 232 -10.25 -8.63 5.58
C GLY A 232 -11.49 -8.62 4.70
N VAL A 233 -11.57 -7.66 3.79
CA VAL A 233 -12.66 -7.62 2.84
C VAL A 233 -12.15 -8.24 1.54
N GLN A 234 -12.39 -9.53 1.35
CA GLN A 234 -11.89 -10.21 0.17
C GLN A 234 -12.83 -10.09 -1.02
N ILE A 235 -12.31 -9.60 -2.13
CA ILE A 235 -13.06 -9.57 -3.38
C ILE A 235 -12.46 -10.59 -4.34
N ARG A 236 -13.28 -11.54 -4.79
CA ARG A 236 -12.81 -12.59 -5.70
C ARG A 236 -13.39 -12.47 -7.13
N TRP A 237 -12.52 -12.26 -8.11
CA TRP A 237 -12.92 -12.22 -9.52
C TRP A 237 -12.57 -13.51 -10.23
N ASP A 238 -13.50 -14.46 -10.22
CA ASP A 238 -13.32 -15.71 -10.94
C ASP A 238 -14.24 -15.78 -12.14
N CYS A 239 -13.71 -15.40 -13.30
CA CYS A 239 -14.52 -15.30 -14.51
C CYS A 239 -14.17 -16.39 -15.51
N ASP A 240 -15.16 -16.79 -16.29
CA ASP A 240 -14.91 -17.63 -17.45
C ASP A 240 -14.98 -16.73 -18.69
N LEU A 241 -13.83 -16.41 -19.28
CA LEU A 241 -13.78 -15.42 -20.37
C LEU A 241 -14.46 -15.84 -21.68
N ASP A 242 -14.54 -17.15 -21.91
CA ASP A 242 -15.27 -17.66 -23.07
C ASP A 242 -16.79 -17.45 -22.92
N MET A 243 -17.25 -17.36 -21.67
CA MET A 243 -18.62 -16.95 -21.34
C MET A 243 -18.82 -15.46 -21.62
N PRO A 244 -20.08 -15.01 -21.64
CA PRO A 244 -20.33 -13.59 -21.88
C PRO A 244 -19.70 -12.72 -20.80
N GLN A 245 -19.17 -11.57 -21.20
CA GLN A 245 -18.52 -10.67 -20.27
C GLN A 245 -19.49 -10.21 -19.19
N SER A 246 -20.77 -10.51 -19.41
CA SER A 246 -21.81 -10.14 -18.45
C SER A 246 -21.84 -11.06 -17.21
N TRP A 247 -21.31 -12.26 -17.36
CA TRP A 247 -21.31 -13.25 -16.27
C TRP A 247 -20.18 -13.03 -15.27
N CYS A 248 -19.28 -12.10 -15.60
CA CYS A 248 -18.13 -11.76 -14.78
C CYS A 248 -18.53 -10.85 -13.63
N VAL A 249 -18.37 -11.34 -12.41
CA VAL A 249 -18.90 -10.66 -11.24
C VAL A 249 -18.01 -10.92 -10.01
N PRO A 250 -17.91 -9.92 -9.10
CA PRO A 250 -17.14 -10.00 -7.85
C PRO A 250 -17.83 -10.82 -6.76
N ARG A 251 -17.10 -11.71 -6.08
CA ARG A 251 -17.63 -12.40 -4.91
C ARG A 251 -17.03 -11.88 -3.59
N TYR A 252 -17.83 -11.18 -2.79
CA TYR A 252 -17.39 -10.58 -1.53
C TYR A 252 -17.39 -11.56 -0.33
N THR A 253 -16.29 -11.58 0.40
CA THR A 253 -16.15 -12.41 1.60
C THR A 253 -15.68 -11.51 2.74
N PHE A 254 -15.76 -12.00 3.97
CA PHE A 254 -15.35 -11.20 5.13
C PHE A 254 -14.73 -12.06 6.19
N ARG A 255 -13.51 -11.72 6.58
CA ARG A 255 -12.78 -12.43 7.61
C ARG A 255 -12.23 -11.44 8.63
N ARG A 256 -12.19 -11.83 9.89
CA ARG A 256 -11.34 -11.16 10.86
C ARG A 256 -9.94 -11.74 10.64
N LEU A 257 -8.94 -10.89 10.60
CA LEU A 257 -7.59 -11.37 10.31
C LEU A 257 -6.69 -11.57 11.54
N ASP A 258 -6.78 -10.70 12.53
CA ASP A 258 -5.95 -10.82 13.73
C ASP A 258 -6.49 -11.83 14.73
N ASN A 259 -5.63 -12.25 15.67
CA ASN A 259 -6.03 -13.21 16.69
C ASN A 259 -6.66 -12.53 17.91
N LYS A 260 -7.83 -13.02 18.32
CA LYS A 260 -8.51 -12.51 19.50
C LYS A 260 -7.99 -13.15 20.79
N ASP A 261 -7.37 -14.32 20.68
CA ASP A 261 -6.79 -15.04 21.82
C ASP A 261 -5.64 -14.27 22.49
N PRO A 262 -5.83 -13.82 23.74
CA PRO A 262 -4.79 -13.05 24.45
C PRO A 262 -3.46 -13.79 24.56
N ASP A 263 -3.51 -15.11 24.75
CA ASP A 263 -2.30 -15.94 24.81
C ASP A 263 -1.83 -16.26 23.40
N ASN A 264 -0.58 -16.71 23.29
CA ASN A 264 -0.05 -17.12 22.00
C ASN A 264 0.07 -15.97 21.00
N ASN A 265 0.27 -14.77 21.52
CA ASN A 265 0.53 -13.61 20.67
C ASN A 265 0.82 -12.34 21.49
N VAL A 266 1.04 -11.24 20.79
CA VAL A 266 1.28 -9.94 21.41
C VAL A 266 0.64 -8.85 20.57
N ALA A 267 0.57 -7.65 21.14
CA ALA A 267 -0.09 -6.53 20.47
C ALA A 267 -1.50 -6.93 20.07
N PRO A 268 -2.31 -7.38 21.04
CA PRO A 268 -3.65 -7.88 20.73
C PRO A 268 -4.46 -6.76 20.11
N GLY A 269 -5.39 -7.09 19.24
CA GLY A 269 -6.19 -6.09 18.58
C GLY A 269 -5.38 -5.25 17.62
N TYR A 270 -5.67 -3.95 17.52
CA TYR A 270 -4.97 -3.08 16.59
C TYR A 270 -5.05 -1.61 17.01
N ASN A 271 -3.90 -0.95 17.10
CA ASN A 271 -3.84 0.44 17.54
C ASN A 271 -2.49 1.05 17.26
N PHE A 272 -2.43 2.38 17.27
CA PHE A 272 -1.18 3.07 17.09
C PHE A 272 -1.22 4.43 17.71
N ARG A 273 -0.07 5.06 17.82
CA ARG A 273 -0.02 6.41 18.39
C ARG A 273 0.15 7.43 17.28
N PHE A 274 -0.38 8.62 17.52
CA PHE A 274 -0.15 9.74 16.63
C PHE A 274 -0.37 11.01 17.40
N ALA A 275 -0.01 12.13 16.79
CA ALA A 275 -0.02 13.38 17.54
C ALA A 275 -0.46 14.59 16.74
N LYS A 276 -0.80 15.62 17.50
CA LYS A 276 -1.23 16.89 16.94
C LYS A 276 -0.28 17.91 17.53
N TYR A 277 0.39 18.66 16.68
CA TYR A 277 1.39 19.59 17.16
C TYR A 277 0.86 21.01 17.13
N TYR A 278 1.22 21.79 18.14
CA TYR A 278 0.73 23.15 18.28
C TYR A 278 1.82 24.09 18.73
N LYS A 279 2.14 25.08 17.89
CA LYS A 279 3.08 26.12 18.30
C LYS A 279 2.39 27.03 19.31
N ASN A 280 2.71 26.81 20.58
CA ASN A 280 2.25 27.66 21.65
C ASN A 280 2.62 29.12 21.38
N SER A 281 1.83 30.05 21.91
CA SER A 281 2.07 31.48 21.70
C SER A 281 3.43 31.92 22.24
N ASP A 282 3.97 31.15 23.18
CA ASP A 282 5.29 31.41 23.76
C ASP A 282 6.39 30.97 22.81
N GLY A 283 6.00 30.41 21.67
CA GLY A 283 6.97 29.89 20.70
C GLY A 283 7.41 28.48 21.00
N THR A 284 7.10 27.99 22.19
CA THR A 284 7.43 26.62 22.59
C THR A 284 6.43 25.60 22.02
N GLU A 285 6.90 24.38 21.76
CA GLU A 285 6.07 23.33 21.16
C GLU A 285 5.32 22.49 22.18
N THR A 286 4.06 22.17 21.85
CA THR A 286 3.28 21.24 22.65
C THR A 286 2.55 20.30 21.70
N ARG A 287 2.28 19.09 22.16
CA ARG A 287 1.58 18.12 21.31
C ARG A 287 0.55 17.31 22.09
N THR A 288 -0.44 16.82 21.38
CA THR A 288 -1.47 15.97 21.98
C THR A 288 -1.28 14.53 21.51
N LEU A 289 -0.90 13.66 22.44
CA LEU A 289 -0.64 12.27 22.09
C LEU A 289 -1.90 11.43 22.16
N ILE A 290 -2.14 10.65 21.13
CA ILE A 290 -3.37 9.90 21.00
C ILE A 290 -3.09 8.43 20.72
N LYS A 291 -3.46 7.57 21.64
CA LYS A 291 -3.36 6.14 21.43
C LYS A 291 -4.67 5.64 20.88
N GLY A 292 -4.75 5.64 19.56
CA GLY A 292 -5.97 5.28 18.87
C GLY A 292 -6.12 3.79 18.65
N TYR A 293 -7.23 3.25 19.11
CA TYR A 293 -7.60 1.88 18.78
C TYR A 293 -8.63 1.98 17.68
N GLY A 294 -8.69 0.98 16.82
CA GLY A 294 -9.69 0.95 15.76
C GLY A 294 -9.64 -0.32 14.96
N ILE A 295 -10.53 -0.41 13.97
CA ILE A 295 -10.49 -1.54 13.06
C ILE A 295 -9.89 -1.11 11.72
N ARG A 296 -8.86 -1.81 11.28
CA ARG A 296 -8.29 -1.53 9.97
C ARG A 296 -8.91 -2.45 8.95
N PHE A 297 -9.44 -1.89 7.86
CA PHE A 297 -10.01 -2.70 6.81
C PHE A 297 -9.06 -2.93 5.62
N ASP A 298 -8.66 -4.18 5.41
CA ASP A 298 -7.79 -4.55 4.30
C ASP A 298 -8.60 -5.07 3.13
N VAL A 299 -8.67 -4.30 2.06
CA VAL A 299 -9.33 -4.77 0.85
C VAL A 299 -8.41 -5.66 0.02
N MET A 300 -8.64 -6.96 0.09
CA MET A 300 -7.78 -7.92 -0.57
C MET A 300 -8.44 -8.43 -1.83
N VAL A 301 -7.92 -8.02 -2.98
CA VAL A 301 -8.49 -8.44 -4.25
C VAL A 301 -7.63 -9.45 -4.98
N PHE A 302 -8.27 -10.50 -5.47
CA PHE A 302 -7.56 -11.53 -6.21
C PHE A 302 -8.51 -12.31 -7.12
N GLY A 303 -7.96 -13.10 -8.02
CA GLY A 303 -8.78 -13.89 -8.91
C GLY A 303 -8.05 -14.49 -10.09
N GLN A 304 -8.79 -15.26 -10.89
CA GLN A 304 -8.25 -15.94 -12.04
C GLN A 304 -9.34 -16.08 -13.09
N ALA A 305 -8.95 -16.25 -14.35
CA ALA A 305 -9.89 -16.41 -15.45
C ALA A 305 -9.24 -17.14 -16.62
N GLY A 306 -10.05 -17.57 -17.57
CA GLY A 306 -9.53 -18.25 -18.75
C GLY A 306 -10.55 -18.62 -19.83
N LYS A 307 -10.23 -18.30 -21.09
CA LYS A 307 -11.02 -18.71 -22.25
C LYS A 307 -10.47 -20.01 -22.82
N PHE A 308 -11.08 -20.51 -23.89
CA PHE A 308 -10.60 -21.71 -24.55
C PHE A 308 -9.24 -21.51 -25.23
N ASN A 309 -8.47 -22.58 -25.37
CA ASN A 309 -7.20 -22.52 -26.07
C ASN A 309 -6.79 -23.91 -26.57
N ILE A 310 -6.31 -23.97 -27.81
CA ILE A 310 -5.93 -25.25 -28.42
C ILE A 310 -4.65 -25.81 -27.81
N ILE A 311 -3.75 -24.92 -27.40
CA ILE A 311 -2.47 -25.36 -26.85
C ILE A 311 -2.62 -26.31 -25.66
N PRO A 312 -3.41 -25.89 -24.64
CA PRO A 312 -3.64 -26.68 -23.42
C PRO A 312 -4.56 -27.87 -23.66
N THR A 313 -5.53 -27.72 -24.54
CA THR A 313 -6.48 -28.78 -24.84
C THR A 313 -5.79 -29.97 -25.49
N LEU A 314 -5.04 -29.71 -26.57
CA LEU A 314 -4.31 -30.77 -27.27
C LEU A 314 -3.30 -31.42 -26.35
N LEU A 315 -2.67 -30.61 -25.50
CA LEU A 315 -1.66 -31.11 -24.56
C LEU A 315 -2.28 -32.16 -23.65
N ASN A 316 -3.40 -31.80 -23.03
CA ASN A 316 -4.06 -32.69 -22.09
C ASN A 316 -4.65 -33.92 -22.78
N ILE A 317 -5.20 -33.72 -23.97
CA ILE A 317 -5.74 -34.84 -24.76
C ILE A 317 -4.62 -35.79 -25.15
N GLY A 318 -3.45 -35.24 -25.49
CA GLY A 318 -2.30 -36.05 -25.85
C GLY A 318 -1.91 -37.02 -24.75
N ALA A 319 -1.86 -36.53 -23.52
CA ALA A 319 -1.52 -37.36 -22.38
C ALA A 319 -2.63 -38.36 -22.06
N GLY A 320 -3.85 -38.04 -22.45
CA GLY A 320 -4.99 -38.91 -22.23
C GLY A 320 -4.89 -40.16 -23.08
N LEU A 321 -4.27 -40.02 -24.25
CA LEU A 321 -4.01 -41.15 -25.13
C LEU A 321 -2.92 -42.05 -24.57
N ALA A 322 -1.80 -41.45 -24.17
CA ALA A 322 -0.71 -42.21 -23.59
C ALA A 322 -1.20 -42.88 -22.31
N LEU A 323 -2.12 -42.22 -21.62
CA LEU A 323 -2.69 -42.74 -20.38
C LEU A 323 -3.59 -43.95 -20.61
N LEU A 324 -4.21 -44.04 -21.79
CA LEU A 324 -5.03 -45.22 -22.11
C LEU A 324 -4.15 -46.41 -22.50
N GLY A 325 -2.90 -46.13 -22.84
CA GLY A 325 -1.95 -47.19 -23.14
C GLY A 325 -1.53 -47.91 -21.88
N LEU A 326 -1.28 -47.15 -20.82
CA LEU A 326 -0.93 -47.74 -19.54
C LEU A 326 -2.16 -48.33 -18.83
N VAL A 327 -3.33 -47.76 -19.09
CA VAL A 327 -4.59 -48.23 -18.49
C VAL A 327 -4.99 -49.61 -19.00
N ASN A 328 -4.82 -49.83 -20.30
CA ASN A 328 -5.23 -51.07 -20.94
C ASN A 328 -4.15 -52.15 -20.85
N VAL A 329 -2.89 -51.72 -20.73
CA VAL A 329 -1.77 -52.65 -20.63
C VAL A 329 -1.52 -53.12 -19.20
N ILE A 330 -1.75 -52.23 -18.23
CA ILE A 330 -1.51 -52.55 -16.82
C ILE A 330 -2.68 -53.28 -16.16
N CYS A 331 -3.91 -52.97 -16.58
CA CYS A 331 -5.10 -53.63 -16.03
C CYS A 331 -5.32 -55.02 -16.66
N ASP A 332 -4.77 -55.21 -17.85
CA ASP A 332 -4.76 -56.53 -18.50
C ASP A 332 -3.74 -57.44 -17.80
N TRP A 333 -2.68 -56.82 -17.28
CA TRP A 333 -1.67 -57.52 -16.50
C TRP A 333 -2.14 -57.85 -15.08
N ILE A 334 -3.15 -57.12 -14.59
CA ILE A 334 -3.71 -57.36 -13.26
C ILE A 334 -4.70 -58.52 -13.26
N LEU B 9 18.95 -52.82 -24.85
CA LEU B 9 19.12 -51.61 -24.06
C LEU B 9 17.83 -50.80 -23.99
N ASN B 10 16.78 -51.31 -24.61
CA ASN B 10 15.46 -50.68 -24.56
C ASN B 10 14.80 -50.86 -23.20
N ARG B 11 15.00 -52.02 -22.59
CA ARG B 11 14.56 -52.24 -21.21
C ARG B 11 15.35 -51.36 -20.25
N PHE B 12 16.49 -50.86 -20.73
CA PHE B 12 17.35 -49.99 -19.94
C PHE B 12 16.87 -48.53 -19.95
N THR B 13 16.50 -48.03 -21.13
CA THR B 13 16.00 -46.68 -21.25
C THR B 13 14.64 -46.56 -20.53
N GLN B 14 13.86 -47.62 -20.60
CA GLN B 14 12.55 -47.67 -19.94
C GLN B 14 12.68 -47.60 -18.42
N ALA B 15 13.78 -48.13 -17.89
CA ALA B 15 14.07 -48.02 -16.46
C ALA B 15 14.70 -46.67 -16.13
N LEU B 16 15.18 -45.97 -17.15
CA LEU B 16 15.76 -44.64 -17.01
C LEU B 16 14.71 -43.55 -16.93
N VAL B 17 13.73 -43.60 -17.83
CA VAL B 17 12.65 -42.61 -17.86
C VAL B 17 11.72 -42.78 -16.65
N ILE B 18 11.56 -44.02 -16.20
CA ILE B 18 10.77 -44.30 -15.01
C ILE B 18 11.44 -43.64 -13.80
N ALA B 19 12.76 -43.75 -13.72
CA ALA B 19 13.52 -43.15 -12.64
C ALA B 19 13.72 -41.66 -12.87
N TYR B 20 13.41 -41.22 -14.09
CA TYR B 20 13.51 -39.82 -14.46
C TYR B 20 12.26 -39.03 -14.08
N VAL B 21 11.09 -39.63 -14.30
CA VAL B 21 9.84 -38.97 -13.94
C VAL B 21 9.52 -39.13 -12.44
N ILE B 22 9.37 -40.36 -11.99
CA ILE B 22 9.07 -40.60 -10.58
C ILE B 22 10.20 -40.14 -9.67
N GLY B 23 11.44 -40.39 -10.09
CA GLY B 23 12.60 -40.10 -9.28
C GLY B 23 13.07 -38.65 -9.32
N TYR B 24 13.06 -38.06 -10.51
CA TYR B 24 13.57 -36.71 -10.70
C TYR B 24 12.48 -35.63 -10.62
N VAL B 25 11.54 -35.70 -11.56
CA VAL B 25 10.54 -34.64 -11.69
C VAL B 25 9.40 -34.73 -10.67
N CYS B 26 9.40 -35.77 -9.84
CA CYS B 26 8.31 -35.93 -8.89
C CYS B 26 8.74 -35.92 -7.42
N VAL B 27 10.01 -35.62 -7.18
CA VAL B 27 10.47 -35.41 -5.82
C VAL B 27 11.37 -34.17 -5.78
N TYR B 28 12.33 -34.11 -6.72
CA TYR B 28 13.15 -32.92 -6.95
C TYR B 28 12.42 -31.70 -7.53
N ASN B 29 11.56 -31.94 -8.52
CA ASN B 29 10.69 -30.92 -9.10
C ASN B 29 9.28 -30.98 -8.51
N LYS B 30 8.94 -32.10 -7.89
CA LYS B 30 7.64 -32.27 -7.24
C LYS B 30 6.47 -31.85 -8.13
N GLY B 31 6.50 -32.31 -9.39
CA GLY B 31 5.54 -31.89 -10.40
C GLY B 31 4.13 -32.46 -10.28
N TYR B 32 3.90 -33.29 -9.27
CA TYR B 32 2.59 -33.92 -9.06
C TYR B 32 1.63 -33.06 -8.22
N GLN B 33 2.08 -31.88 -7.81
CA GLN B 33 1.27 -30.96 -7.01
C GLN B 33 0.65 -29.85 -7.87
N ASP B 34 -0.48 -29.32 -7.44
CA ASP B 34 -1.02 -28.09 -8.04
C ASP B 34 -0.50 -26.88 -7.26
N THR B 35 -0.13 -25.80 -7.95
CA THR B 35 0.45 -24.62 -7.29
C THR B 35 -0.61 -23.62 -6.79
N ASP B 36 -0.24 -22.79 -5.80
CA ASP B 36 -1.10 -21.70 -5.32
C ASP B 36 -0.30 -20.61 -4.61
N THR B 37 -0.48 -19.36 -5.04
CA THR B 37 0.21 -18.21 -4.45
C THR B 37 -0.45 -17.75 -3.16
N VAL B 38 0.30 -17.05 -2.33
CA VAL B 38 -0.16 -16.66 -1.01
C VAL B 38 -1.00 -15.39 -1.00
N LEU B 39 -2.10 -15.41 -0.26
CA LEU B 39 -2.81 -14.18 0.10
C LEU B 39 -2.25 -13.67 1.41
N SER B 40 -1.75 -12.43 1.38
CA SER B 40 -1.05 -11.86 2.52
C SER B 40 -1.68 -10.63 3.16
N SER B 41 -1.35 -10.45 4.43
CA SER B 41 -1.73 -9.28 5.20
C SER B 41 -0.71 -9.12 6.32
N VAL B 42 -0.15 -7.91 6.48
CA VAL B 42 0.86 -7.68 7.50
C VAL B 42 0.48 -6.52 8.44
N THR B 43 1.21 -6.44 9.53
CA THR B 43 1.00 -5.45 10.57
C THR B 43 2.30 -5.20 11.27
N THR B 44 2.72 -3.94 11.33
CA THR B 44 3.97 -3.59 11.96
C THR B 44 3.70 -2.72 13.18
N LYS B 45 4.58 -2.79 14.19
CA LYS B 45 4.60 -1.78 15.25
C LYS B 45 6.02 -1.55 15.72
N VAL B 46 6.52 -0.35 15.44
CA VAL B 46 7.88 0.00 15.82
C VAL B 46 7.94 0.57 17.24
N LYS B 47 8.89 0.08 18.04
CA LYS B 47 9.11 0.58 19.39
C LYS B 47 10.53 1.07 19.58
N GLY B 48 10.65 2.24 20.19
CA GLY B 48 11.93 2.84 20.52
C GLY B 48 11.79 4.31 20.84
N ILE B 49 12.83 4.92 21.40
CA ILE B 49 12.91 6.38 21.46
C ILE B 49 14.33 6.81 21.19
N ALA B 50 14.48 8.06 20.77
CA ALA B 50 15.78 8.57 20.38
C ALA B 50 15.96 9.99 20.86
N LEU B 51 17.19 10.29 21.28
CA LEU B 51 17.55 11.60 21.79
C LEU B 51 18.30 12.39 20.73
N THR B 52 18.29 13.71 20.82
CA THR B 52 19.16 14.54 19.99
C THR B 52 19.60 15.80 20.71
N ASN B 53 20.91 15.96 20.89
CA ASN B 53 21.48 17.25 21.27
C ASN B 53 21.73 18.08 20.01
N THR B 54 20.69 18.73 19.52
CA THR B 54 20.83 19.60 18.37
C THR B 54 21.85 20.67 18.71
N SER B 55 22.30 21.41 17.71
CA SER B 55 23.26 22.47 17.94
C SER B 55 22.73 23.45 18.98
N GLU B 56 21.65 24.14 18.62
CA GLU B 56 21.09 25.21 19.44
C GLU B 56 19.88 24.78 20.27
N LEU B 57 19.11 23.84 19.73
CA LEU B 57 17.85 23.41 20.34
C LEU B 57 18.03 22.57 21.62
N GLY B 58 19.23 22.08 21.84
CA GLY B 58 19.53 21.30 23.02
C GLY B 58 18.81 19.97 23.05
N GLU B 59 19.00 19.21 24.13
CA GLU B 59 18.43 17.87 24.25
C GLU B 59 16.98 17.84 23.80
N ARG B 60 16.62 16.77 23.08
CA ARG B 60 15.28 16.62 22.54
C ARG B 60 14.97 15.15 22.26
N ILE B 61 13.74 14.74 22.54
CA ILE B 61 13.33 13.36 22.35
C ILE B 61 12.37 13.19 21.18
N TRP B 62 12.50 12.05 20.49
CA TRP B 62 11.69 11.75 19.33
C TRP B 62 11.13 10.39 19.56
N ASP B 63 9.85 10.29 19.90
CA ASP B 63 9.33 8.96 20.18
C ASP B 63 8.91 8.26 18.92
N VAL B 64 9.86 7.45 18.41
CA VAL B 64 9.69 6.69 17.17
C VAL B 64 8.25 6.27 16.94
N ALA B 65 7.50 6.04 18.02
CA ALA B 65 6.10 5.78 17.87
C ALA B 65 5.49 6.96 17.11
N ASP B 66 5.39 8.11 17.75
CA ASP B 66 4.59 9.20 17.21
C ASP B 66 5.36 10.19 16.38
N TYR B 67 6.55 10.54 16.85
CA TYR B 67 7.31 11.60 16.23
C TYR B 67 8.19 11.10 15.07
N ILE B 68 8.49 9.81 15.10
CA ILE B 68 9.48 9.23 14.18
C ILE B 68 8.94 8.63 12.92
N ILE B 69 7.65 8.34 12.87
CA ILE B 69 7.14 7.57 11.75
C ILE B 69 6.05 8.28 10.96
N PRO B 70 6.46 9.08 9.95
CA PRO B 70 5.56 9.71 8.99
C PRO B 70 5.34 8.84 7.76
N PRO B 71 4.07 8.46 7.50
CA PRO B 71 3.02 8.50 8.49
C PRO B 71 2.94 7.05 8.93
N GLN B 72 1.78 6.56 9.35
CA GLN B 72 1.66 5.19 9.82
C GLN B 72 0.99 4.30 8.77
N GLU B 73 1.77 3.84 7.81
CA GLU B 73 1.30 3.07 6.66
C GLU B 73 0.86 1.64 7.01
N ASP B 74 0.25 0.97 6.02
CA ASP B 74 -0.30 -0.38 6.15
C ASP B 74 0.76 -1.47 6.35
N GLY B 75 1.21 -2.05 5.24
CA GLY B 75 2.31 -2.99 5.23
C GLY B 75 3.62 -2.32 5.58
N SER B 76 4.23 -1.65 4.60
CA SER B 76 5.51 -0.96 4.79
C SER B 76 5.46 0.20 5.80
N PHE B 77 6.63 0.65 6.27
CA PHE B 77 6.74 1.74 7.25
C PHE B 77 8.06 2.48 7.13
N PHE B 78 8.08 3.72 7.61
CA PHE B 78 9.22 4.58 7.38
C PHE B 78 9.73 5.25 8.65
N VAL B 79 10.99 4.96 8.97
CA VAL B 79 11.64 5.41 10.17
C VAL B 79 12.54 6.60 9.89
N LEU B 80 12.19 7.74 10.49
CA LEU B 80 12.98 8.94 10.36
C LEU B 80 14.32 8.76 11.05
N THR B 81 15.42 9.06 10.34
CA THR B 81 16.76 8.85 10.87
C THR B 81 17.61 10.12 10.83
N ASN B 82 17.34 11.00 9.88
CA ASN B 82 18.09 12.24 9.71
C ASN B 82 17.17 13.34 9.14
N MET B 83 17.59 14.60 9.22
CA MET B 83 16.71 15.72 8.87
C MET B 83 17.37 17.09 8.73
N ILE B 84 16.71 17.98 8.00
CA ILE B 84 17.11 19.37 7.88
C ILE B 84 15.87 20.22 8.04
N ILE B 85 15.77 20.87 9.20
CA ILE B 85 14.55 21.53 9.62
C ILE B 85 14.55 23.03 9.30
N THR B 86 13.62 23.45 8.45
CA THR B 86 13.42 24.86 8.15
C THR B 86 12.19 25.39 8.91
N THR B 87 12.36 26.42 9.73
CA THR B 87 11.28 26.89 10.61
C THR B 87 10.71 28.26 10.27
N ASN B 88 9.61 28.61 10.93
CA ASN B 88 9.03 29.94 10.78
C ASN B 88 8.78 30.30 9.33
N GLN B 89 8.39 29.31 8.53
CA GLN B 89 8.02 29.58 7.15
C GLN B 89 6.65 30.24 7.08
N THR B 90 6.51 31.20 6.17
CA THR B 90 5.27 31.93 5.97
C THR B 90 5.16 32.30 4.50
N GLN B 91 3.92 32.45 4.03
CA GLN B 91 3.70 32.90 2.65
C GLN B 91 4.23 34.32 2.48
N SER B 92 5.24 34.47 1.63
CA SER B 92 5.91 35.75 1.47
C SER B 92 6.80 35.78 0.24
N LYS B 93 7.26 36.99 -0.09
CA LYS B 93 8.22 37.22 -1.16
C LYS B 93 9.62 37.21 -0.56
N CYS B 94 10.61 36.75 -1.34
CA CYS B 94 11.99 36.71 -0.88
C CYS B 94 12.93 36.28 -2.01
N ALA B 95 14.23 36.36 -1.74
CA ALA B 95 15.24 36.05 -2.75
C ALA B 95 15.38 34.55 -3.00
N GLU B 96 15.50 34.17 -4.27
CA GLU B 96 15.81 32.79 -4.60
C GLU B 96 17.19 32.44 -4.09
N ASN B 97 17.59 31.18 -4.27
CA ASN B 97 18.95 30.78 -3.92
C ASN B 97 19.89 31.10 -5.08
N PRO B 98 21.13 31.51 -4.76
CA PRO B 98 22.12 31.82 -5.81
C PRO B 98 22.33 30.67 -6.79
N THR B 99 22.16 30.95 -8.07
CA THR B 99 22.25 29.94 -9.13
C THR B 99 22.34 30.63 -10.48
N PRO B 100 23.18 30.11 -11.38
CA PRO B 100 23.33 30.67 -12.73
C PRO B 100 21.99 31.00 -13.39
N ALA B 101 21.00 30.14 -13.17
CA ALA B 101 19.67 30.34 -13.76
C ALA B 101 18.84 31.37 -12.98
N SER B 102 19.10 31.49 -11.68
CA SER B 102 18.34 32.37 -10.79
C SER B 102 18.95 33.78 -10.65
N THR B 103 20.26 33.89 -10.82
CA THR B 103 20.96 35.15 -10.66
C THR B 103 20.46 36.19 -11.64
N CYS B 104 20.45 37.45 -11.22
CA CYS B 104 19.94 38.53 -12.04
C CYS B 104 20.77 39.80 -11.85
N THR B 105 20.85 40.59 -12.92
CA THR B 105 21.52 41.88 -12.89
C THR B 105 20.57 43.01 -12.53
N SER B 106 19.29 42.83 -12.87
CA SER B 106 18.28 43.85 -12.65
C SER B 106 16.86 43.36 -12.93
N HIS B 107 15.90 44.28 -12.79
CA HIS B 107 14.48 43.99 -12.99
C HIS B 107 14.19 43.31 -14.32
N ARG B 108 15.11 43.46 -15.27
CA ARG B 108 14.90 42.94 -16.62
C ARG B 108 15.00 41.41 -16.70
N ASP B 109 15.88 40.83 -15.89
CA ASP B 109 16.13 39.39 -15.93
C ASP B 109 14.99 38.59 -15.31
N CYS B 110 14.39 39.13 -14.26
CA CYS B 110 13.28 38.47 -13.56
C CYS B 110 11.96 38.60 -14.32
N LYS B 111 11.45 37.47 -14.82
CA LYS B 111 10.12 37.42 -15.42
C LYS B 111 9.06 36.89 -14.46
N ARG B 112 7.94 37.61 -14.31
CA ARG B 112 6.88 37.20 -13.40
C ARG B 112 6.18 35.89 -13.83
N GLY B 113 6.23 34.88 -12.95
CA GLY B 113 5.64 33.57 -13.21
C GLY B 113 6.60 32.49 -13.73
N PHE B 114 7.39 32.83 -14.74
CA PHE B 114 8.19 31.84 -15.47
C PHE B 114 9.46 31.41 -14.72
N ASN B 115 10.22 32.40 -14.25
CA ASN B 115 11.40 32.13 -13.44
C ASN B 115 10.98 31.51 -12.11
N ASP B 116 9.65 31.42 -11.92
CA ASP B 116 9.05 30.82 -10.72
C ASP B 116 9.28 29.30 -10.62
N ALA B 117 8.71 28.55 -11.56
CA ALA B 117 8.82 27.09 -11.55
C ALA B 117 10.17 26.51 -11.04
N ARG B 118 11.29 27.11 -11.42
CA ARG B 118 12.61 26.52 -11.14
C ARG B 118 13.02 26.40 -9.66
N GLY B 119 13.15 27.54 -8.99
CA GLY B 119 13.71 27.56 -7.65
C GLY B 119 12.76 27.37 -6.47
N ASP B 120 11.70 26.58 -6.66
CA ASP B 120 10.75 26.29 -5.57
C ASP B 120 10.11 27.54 -4.95
N GLY B 121 9.54 28.38 -5.81
CA GLY B 121 8.84 29.60 -5.41
C GLY B 121 8.47 30.33 -6.69
N VAL B 122 7.36 31.08 -6.70
CA VAL B 122 7.00 31.83 -7.91
C VAL B 122 7.65 33.20 -7.97
N ARG B 123 8.26 33.49 -9.11
CA ARG B 123 9.00 34.73 -9.30
C ARG B 123 8.05 35.87 -9.56
N THR B 124 8.20 36.94 -8.79
CA THR B 124 7.60 38.20 -9.15
C THR B 124 8.67 38.94 -9.98
N GLY B 125 8.23 39.76 -10.92
CA GLY B 125 9.16 40.46 -11.80
C GLY B 125 10.32 41.17 -11.10
N ARG B 126 10.13 41.59 -9.86
CA ARG B 126 11.15 42.36 -9.13
C ARG B 126 12.42 41.57 -8.82
N CYS B 127 13.57 42.23 -8.99
CA CYS B 127 14.86 41.63 -8.66
C CYS B 127 15.40 42.17 -7.33
N VAL B 128 15.81 41.25 -6.46
CA VAL B 128 16.30 41.64 -5.14
C VAL B 128 17.64 40.99 -4.82
N SER B 129 18.28 41.53 -3.80
CA SER B 129 19.57 41.04 -3.35
C SER B 129 19.39 39.85 -2.42
N TYR B 130 20.07 38.75 -2.75
CA TYR B 130 20.11 37.59 -1.89
C TYR B 130 21.00 37.90 -0.69
N SER B 131 21.88 38.87 -0.89
CA SER B 131 22.81 39.34 0.13
C SER B 131 23.42 40.64 -0.38
N ALA B 132 24.39 41.18 0.34
CA ALA B 132 25.04 42.41 -0.09
C ALA B 132 25.84 42.24 -1.40
N SER B 133 26.60 41.15 -1.50
CA SER B 133 27.50 40.94 -2.63
C SER B 133 26.80 40.44 -3.90
N VAL B 134 25.65 39.77 -3.74
CA VAL B 134 24.96 39.17 -4.88
C VAL B 134 23.47 39.48 -4.86
N LYS B 135 22.84 39.32 -6.02
CA LYS B 135 21.42 39.60 -6.18
C LYS B 135 20.77 38.60 -7.12
N THR B 136 19.53 38.22 -6.80
CA THR B 136 18.83 37.17 -7.53
C THR B 136 17.32 37.41 -7.49
N CYS B 137 16.59 36.75 -8.39
CA CYS B 137 15.16 36.97 -8.56
C CYS B 137 14.30 36.73 -7.32
N GLU B 138 13.45 37.70 -7.01
CA GLU B 138 12.50 37.58 -5.92
C GLU B 138 11.39 36.62 -6.29
N VAL B 139 11.03 35.78 -5.33
CA VAL B 139 9.96 34.81 -5.52
C VAL B 139 9.06 34.81 -4.32
N LEU B 140 7.76 34.72 -4.56
CA LEU B 140 6.84 34.48 -3.47
C LEU B 140 6.78 32.96 -3.30
N SER B 141 6.59 32.51 -2.06
CA SER B 141 6.81 31.11 -1.72
C SER B 141 6.67 30.98 -0.22
N TRP B 142 6.97 29.80 0.31
CA TRP B 142 7.10 29.61 1.75
C TRP B 142 8.47 30.14 2.16
N CYS B 143 8.48 31.18 2.97
CA CYS B 143 9.71 31.90 3.30
C CYS B 143 9.95 31.99 4.80
N PRO B 144 11.23 31.91 5.22
CA PRO B 144 12.42 31.89 4.37
C PRO B 144 12.61 30.56 3.64
N LEU B 145 13.36 30.58 2.54
CA LEU B 145 13.67 29.39 1.78
C LEU B 145 14.38 28.34 2.62
N GLU B 146 14.41 27.12 2.12
CA GLU B 146 15.18 26.08 2.79
C GLU B 146 16.63 26.29 2.42
N LYS B 147 17.49 26.47 3.42
CA LYS B 147 18.89 26.66 3.13
C LYS B 147 19.40 25.43 2.37
N ILE B 148 20.34 25.63 1.46
CA ILE B 148 20.94 24.50 0.74
C ILE B 148 22.15 24.00 1.51
N VAL B 149 21.98 22.89 2.22
CA VAL B 149 23.03 22.34 3.07
C VAL B 149 22.96 20.82 3.10
N ASP B 150 24.06 20.15 3.44
CA ASP B 150 24.07 18.69 3.46
C ASP B 150 23.64 18.16 4.84
N PRO B 151 22.97 17.01 4.87
CA PRO B 151 22.34 16.47 6.07
C PRO B 151 23.37 16.22 7.14
N PRO B 152 22.97 16.31 8.41
CA PRO B 152 23.90 16.12 9.53
C PRO B 152 24.53 14.74 9.52
N ASN B 153 25.74 14.67 10.04
CA ASN B 153 26.45 13.40 10.19
C ASN B 153 27.32 13.44 11.42
N PRO B 154 27.14 12.46 12.32
CA PRO B 154 26.20 11.34 12.21
C PRO B 154 24.74 11.80 12.15
N PRO B 155 23.81 10.88 11.87
CA PRO B 155 22.38 11.21 11.79
C PRO B 155 21.83 11.62 13.16
N LEU B 156 20.85 12.51 13.21
CA LEU B 156 20.31 12.95 14.48
C LEU B 156 19.61 11.81 15.17
N LEU B 157 18.73 11.16 14.43
CA LEU B 157 18.03 10.00 14.97
C LEU B 157 18.89 8.75 14.80
N ALA B 158 20.15 8.86 15.20
CA ALA B 158 21.09 7.75 15.10
C ALA B 158 20.72 6.64 16.06
N ASP B 159 19.94 6.97 17.08
CA ASP B 159 19.46 6.01 18.08
C ASP B 159 18.52 5.00 17.44
N ALA B 160 18.22 5.25 16.17
CA ALA B 160 17.30 4.44 15.39
C ALA B 160 17.76 3.02 15.23
N GLU B 161 19.07 2.84 15.30
CA GLU B 161 19.65 1.53 15.02
C GLU B 161 19.10 0.52 15.98
N ASN B 162 18.89 0.99 17.21
CA ASN B 162 18.48 0.16 18.33
C ASN B 162 16.96 0.01 18.47
N PHE B 163 16.21 0.57 17.54
CA PHE B 163 14.77 0.38 17.54
C PHE B 163 14.43 -1.04 17.19
N THR B 164 13.16 -1.37 17.35
CA THR B 164 12.73 -2.72 17.08
C THR B 164 11.32 -2.70 16.52
N VAL B 165 11.12 -3.51 15.50
CA VAL B 165 9.81 -3.61 14.86
C VAL B 165 9.19 -4.98 15.00
N LEU B 166 7.99 -5.01 15.58
CA LEU B 166 7.19 -6.22 15.59
C LEU B 166 6.45 -6.34 14.26
N ILE B 167 6.58 -7.52 13.64
CA ILE B 167 6.00 -7.76 12.33
C ILE B 167 5.10 -8.98 12.41
N LYS B 168 3.80 -8.73 12.36
CA LYS B 168 2.83 -9.80 12.43
C LYS B 168 2.29 -10.08 11.02
N ASN B 169 2.33 -11.34 10.60
CA ASN B 169 1.96 -11.72 9.22
C ASN B 169 1.01 -12.91 9.15
N ASN B 170 -0.25 -12.63 8.87
CA ASN B 170 -1.25 -13.66 8.62
C ASN B 170 -1.33 -13.95 7.11
N ILE B 171 -1.26 -15.22 6.74
CA ILE B 171 -1.38 -15.59 5.34
C ILE B 171 -2.36 -16.72 5.11
N ARG B 172 -2.83 -16.85 3.88
CA ARG B 172 -3.80 -17.88 3.51
C ARG B 172 -3.65 -18.32 2.06
N TYR B 173 -3.87 -19.60 1.82
CA TYR B 173 -3.97 -20.13 0.47
C TYR B 173 -5.42 -20.42 0.12
N PRO B 174 -6.01 -19.58 -0.73
CA PRO B 174 -7.43 -19.66 -1.08
C PRO B 174 -7.80 -21.06 -1.57
N LYS B 175 -7.03 -21.58 -2.53
CA LYS B 175 -7.34 -22.88 -3.14
C LYS B 175 -7.48 -23.99 -2.09
N PHE B 176 -6.49 -24.09 -1.22
CA PHE B 176 -6.47 -25.16 -0.22
C PHE B 176 -7.17 -24.81 1.09
N ASN B 177 -7.97 -23.75 1.08
CA ASN B 177 -8.64 -23.29 2.29
C ASN B 177 -7.77 -23.51 3.52
N PHE B 178 -6.53 -23.02 3.45
CA PHE B 178 -5.56 -23.21 4.51
C PHE B 178 -4.89 -21.89 4.84
N ASN B 179 -4.69 -21.64 6.13
CA ASN B 179 -4.04 -20.41 6.56
C ASN B 179 -3.25 -20.54 7.85
N LYS B 180 -2.31 -19.63 8.05
CA LYS B 180 -1.41 -19.70 9.20
C LYS B 180 -0.76 -18.34 9.45
N ARG B 181 -0.15 -18.20 10.63
CA ARG B 181 0.42 -16.91 11.07
C ARG B 181 1.88 -17.07 11.50
N ASN B 182 2.68 -16.02 11.26
CA ASN B 182 4.12 -16.07 11.53
C ASN B 182 4.47 -16.22 13.00
N ILE B 183 3.45 -16.17 13.85
CA ILE B 183 3.63 -16.46 15.27
C ILE B 183 3.17 -17.89 15.52
N LEU B 184 4.13 -18.82 15.57
CA LEU B 184 3.81 -20.23 15.74
C LEU B 184 3.16 -20.51 17.08
N PRO B 185 2.28 -21.54 17.13
CA PRO B 185 1.44 -21.85 18.31
C PRO B 185 2.25 -22.30 19.52
N ASN B 186 3.44 -22.82 19.26
CA ASN B 186 4.33 -23.26 20.31
C ASN B 186 5.12 -22.11 20.89
N ILE B 187 4.46 -21.00 21.20
CA ILE B 187 5.18 -19.83 21.69
C ILE B 187 4.51 -19.08 22.85
N ASN B 188 5.25 -18.95 23.95
CA ASN B 188 4.85 -18.20 25.13
C ASN B 188 4.61 -16.74 24.79
N SER B 189 3.68 -16.09 25.49
CA SER B 189 3.43 -14.66 25.32
C SER B 189 4.48 -13.83 26.04
N SER B 190 4.90 -14.31 27.21
CA SER B 190 6.01 -13.69 27.93
C SER B 190 7.28 -13.77 27.07
N TYR B 191 7.34 -14.75 26.18
CA TYR B 191 8.52 -14.90 25.33
C TYR B 191 8.63 -13.69 24.40
N LEU B 192 7.52 -13.35 23.75
CA LEU B 192 7.48 -12.24 22.83
C LEU B 192 7.53 -10.90 23.57
N THR B 193 7.48 -10.95 24.90
CA THR B 193 7.59 -9.77 25.73
C THR B 193 8.97 -9.11 25.66
N HIS B 194 10.00 -9.90 25.37
CA HIS B 194 11.37 -9.37 25.36
C HIS B 194 12.32 -10.10 24.39
N CYS B 195 11.80 -11.08 23.66
CA CYS B 195 12.62 -11.73 22.65
C CYS B 195 12.99 -10.73 21.57
N VAL B 196 14.03 -11.07 20.80
CA VAL B 196 14.46 -10.29 19.64
C VAL B 196 15.13 -11.22 18.65
N PHE B 197 14.64 -11.19 17.42
CA PHE B 197 15.08 -12.08 16.37
C PHE B 197 16.60 -12.16 16.22
N SER B 198 17.06 -13.36 15.91
CA SER B 198 18.44 -13.65 15.58
C SER B 198 18.47 -15.04 14.96
N ARG B 199 19.14 -15.18 13.82
CA ARG B 199 19.12 -16.42 13.08
C ARG B 199 19.51 -17.60 13.97
N LYS B 200 20.53 -17.38 14.78
CA LYS B 200 21.08 -18.41 15.67
C LYS B 200 20.13 -18.78 16.80
N THR B 201 20.12 -17.96 17.86
CA THR B 201 19.38 -18.26 19.08
C THR B 201 17.84 -18.27 18.92
N ASP B 202 17.25 -17.12 18.63
CA ASP B 202 15.79 -17.01 18.53
C ASP B 202 15.32 -16.77 17.10
N PRO B 203 15.05 -17.85 16.35
CA PRO B 203 14.65 -17.77 14.94
C PRO B 203 13.15 -17.53 14.77
N ASP B 204 12.39 -17.77 15.83
CA ASP B 204 10.94 -17.66 15.79
C ASP B 204 10.44 -16.37 16.42
N CYS B 205 11.36 -15.45 16.70
CA CYS B 205 10.99 -14.18 17.31
C CYS B 205 10.69 -13.13 16.25
N PRO B 206 9.42 -12.76 16.10
CA PRO B 206 8.96 -11.84 15.04
C PRO B 206 9.28 -10.38 15.31
N ILE B 207 9.96 -10.10 16.41
CA ILE B 207 10.36 -8.74 16.72
C ILE B 207 11.80 -8.54 16.28
N PHE B 208 11.99 -7.82 15.18
CA PHE B 208 13.33 -7.64 14.64
C PHE B 208 13.91 -6.30 15.03
N ARG B 209 15.19 -6.32 15.41
CA ARG B 209 15.87 -5.07 15.70
C ARG B 209 16.28 -4.42 14.38
N LEU B 210 16.09 -3.11 14.24
CA LEU B 210 16.33 -2.44 12.96
C LEU B 210 17.75 -2.65 12.45
N GLY B 211 18.73 -2.30 13.27
CA GLY B 211 20.12 -2.55 12.94
C GLY B 211 20.37 -3.95 12.44
N ASP B 212 19.86 -4.96 13.14
CA ASP B 212 20.04 -6.36 12.71
C ASP B 212 19.46 -6.58 11.33
N ILE B 213 18.37 -5.88 11.03
CA ILE B 213 17.75 -6.01 9.73
C ILE B 213 18.69 -5.50 8.66
N VAL B 214 19.20 -4.29 8.85
CA VAL B 214 20.13 -3.69 7.91
C VAL B 214 21.43 -4.47 7.85
N GLY B 215 21.94 -4.85 9.01
CA GLY B 215 23.15 -5.64 9.10
C GLY B 215 23.02 -6.88 8.24
N GLU B 216 22.12 -7.76 8.63
CA GLU B 216 21.89 -9.02 7.94
C GLU B 216 21.92 -8.86 6.42
N ALA B 217 21.54 -7.69 5.96
CA ALA B 217 21.45 -7.40 4.53
C ALA B 217 22.80 -6.97 3.99
N GLU B 218 23.84 -7.10 4.80
CA GLU B 218 25.19 -6.73 4.41
C GLU B 218 25.30 -5.24 4.18
N GLU B 219 24.79 -4.44 5.11
CA GLU B 219 24.83 -2.99 4.99
C GLU B 219 25.13 -2.42 6.35
N ASP B 220 25.17 -1.09 6.44
CA ASP B 220 25.47 -0.49 7.72
C ASP B 220 24.50 0.62 8.10
N PHE B 221 23.76 0.39 9.19
CA PHE B 221 22.69 1.31 9.58
C PHE B 221 23.15 2.75 9.71
N GLN B 222 24.33 2.96 10.26
CA GLN B 222 24.80 4.33 10.46
C GLN B 222 25.22 5.08 9.19
N ILE B 223 25.75 4.36 8.20
CA ILE B 223 26.09 5.01 6.94
C ILE B 223 24.83 5.24 6.12
N MET B 224 23.91 4.28 6.15
CA MET B 224 22.64 4.41 5.44
C MET B 224 21.81 5.56 6.01
N ALA B 225 21.54 5.48 7.31
CA ALA B 225 20.62 6.39 7.99
C ALA B 225 20.94 7.87 7.83
N VAL B 226 22.03 8.17 7.13
CA VAL B 226 22.41 9.57 6.99
C VAL B 226 21.66 10.18 5.82
N ARG B 227 21.62 9.46 4.71
CA ARG B 227 20.96 9.96 3.53
C ARG B 227 19.72 9.15 3.16
N GLY B 228 19.51 8.05 3.87
CA GLY B 228 18.31 7.23 3.72
C GLY B 228 18.45 6.10 2.71
N GLY B 229 17.46 5.19 2.73
CA GLY B 229 17.43 4.06 1.82
C GLY B 229 16.17 3.26 2.02
N VAL B 230 16.02 2.15 1.30
CA VAL B 230 14.85 1.29 1.49
C VAL B 230 15.25 -0.17 1.64
N MET B 231 14.81 -0.76 2.75
CA MET B 231 15.11 -2.14 3.09
C MET B 231 13.97 -3.06 2.75
N GLY B 232 14.26 -4.12 2.05
CA GLY B 232 13.25 -5.12 1.74
C GLY B 232 13.27 -6.26 2.74
N VAL B 233 12.19 -6.39 3.48
CA VAL B 233 12.03 -7.50 4.41
C VAL B 233 11.19 -8.55 3.72
N GLN B 234 11.84 -9.54 3.11
CA GLN B 234 11.11 -10.55 2.37
C GLN B 234 10.69 -11.71 3.26
N ILE B 235 9.40 -12.00 3.26
CA ILE B 235 8.89 -13.19 3.93
C ILE B 235 8.43 -14.21 2.89
N ARG B 236 9.02 -15.42 2.94
CA ARG B 236 8.69 -16.46 1.97
C ARG B 236 7.93 -17.64 2.60
N TRP B 237 6.70 -17.86 2.15
CA TRP B 237 5.91 -19.01 2.59
C TRP B 237 5.89 -20.11 1.54
N ASP B 238 6.82 -21.04 1.64
CA ASP B 238 6.87 -22.18 0.75
C ASP B 238 6.53 -23.45 1.50
N CYS B 239 5.27 -23.84 1.44
CA CYS B 239 4.79 -24.97 2.21
C CYS B 239 4.44 -26.16 1.32
N ASP B 240 4.62 -27.36 1.86
CA ASP B 240 4.10 -28.56 1.23
C ASP B 240 2.82 -28.97 1.95
N LEU B 241 1.66 -28.72 1.34
CA LEU B 241 0.38 -28.91 2.02
C LEU B 241 0.03 -30.36 2.36
N ASP B 242 0.58 -31.31 1.60
CA ASP B 242 0.39 -32.72 1.91
C ASP B 242 1.16 -33.12 3.19
N MET B 243 2.22 -32.37 3.49
CA MET B 243 2.94 -32.48 4.76
C MET B 243 2.09 -31.92 5.90
N PRO B 244 2.47 -32.21 7.15
CA PRO B 244 1.72 -31.66 8.29
C PRO B 244 1.71 -30.14 8.29
N GLN B 245 0.58 -29.55 8.66
CA GLN B 245 0.44 -28.10 8.68
C GLN B 245 1.47 -27.47 9.62
N SER B 246 2.11 -28.31 10.42
CA SER B 246 3.12 -27.86 11.38
C SER B 246 4.45 -27.51 10.71
N TRP B 247 4.70 -28.08 9.54
CA TRP B 247 5.96 -27.87 8.81
C TRP B 247 5.96 -26.56 8.02
N CYS B 248 4.81 -25.91 7.97
CA CYS B 248 4.63 -24.66 7.25
C CYS B 248 5.18 -23.49 8.05
N VAL B 249 6.22 -22.84 7.52
CA VAL B 249 6.93 -21.82 8.27
C VAL B 249 7.46 -20.74 7.33
N PRO B 250 7.54 -19.49 7.84
CA PRO B 250 8.06 -18.33 7.09
C PRO B 250 9.59 -18.30 7.03
N ARG B 251 10.16 -18.05 5.86
CA ARG B 251 11.58 -17.78 5.83
C ARG B 251 11.83 -16.29 5.58
N TYR B 252 12.61 -15.68 6.46
CA TYR B 252 12.92 -14.26 6.42
C TYR B 252 14.24 -13.95 5.70
N THR B 253 14.21 -12.97 4.79
CA THR B 253 15.38 -12.53 4.06
C THR B 253 15.48 -11.02 4.18
N PHE B 254 16.62 -10.45 3.83
CA PHE B 254 16.82 -9.01 3.95
C PHE B 254 17.72 -8.48 2.85
N ARG B 255 17.27 -7.45 2.15
CA ARG B 255 18.02 -6.96 0.99
C ARG B 255 17.79 -5.49 0.78
N ARG B 256 18.87 -4.69 0.80
CA ARG B 256 18.76 -3.28 0.49
C ARG B 256 18.20 -3.16 -0.93
N LEU B 257 17.23 -2.30 -1.13
CA LEU B 257 16.59 -2.22 -2.45
C LEU B 257 17.08 -1.07 -3.35
N ASP B 258 17.38 0.10 -2.79
CA ASP B 258 17.87 1.21 -3.61
C ASP B 258 19.36 1.11 -3.93
N ASN B 259 19.79 1.91 -4.91
CA ASN B 259 21.19 1.93 -5.31
C ASN B 259 22.00 2.93 -4.50
N LYS B 260 23.16 2.51 -3.97
CA LYS B 260 24.02 3.43 -3.23
C LYS B 260 24.96 4.19 -4.16
N ASP B 261 25.21 3.62 -5.34
CA ASP B 261 26.08 4.25 -6.33
C ASP B 261 25.55 5.63 -6.76
N PRO B 262 26.30 6.69 -6.43
CA PRO B 262 25.88 8.06 -6.77
C PRO B 262 25.66 8.27 -8.26
N ASP B 263 26.49 7.64 -9.10
CA ASP B 263 26.33 7.70 -10.54
C ASP B 263 25.28 6.72 -11.01
N ASN B 264 24.80 6.88 -12.24
CA ASN B 264 23.84 5.95 -12.81
C ASN B 264 22.51 5.95 -12.06
N ASN B 265 22.16 7.09 -11.47
CA ASN B 265 20.84 7.26 -10.85
C ASN B 265 20.63 8.67 -10.31
N VAL B 266 19.47 8.89 -9.71
CA VAL B 266 19.13 10.16 -9.11
C VAL B 266 18.32 9.93 -7.84
N ALA B 267 18.12 10.98 -7.05
CA ALA B 267 17.43 10.87 -5.77
C ALA B 267 18.06 9.76 -4.95
N PRO B 268 19.39 9.86 -4.72
CA PRO B 268 20.10 8.81 -3.98
C PRO B 268 19.50 8.67 -2.60
N GLY B 269 19.55 7.47 -2.04
CA GLY B 269 18.96 7.25 -0.73
C GLY B 269 17.45 7.38 -0.73
N TYR B 270 16.89 7.93 0.34
CA TYR B 270 15.44 8.06 0.45
C TYR B 270 15.04 9.15 1.43
N ASN B 271 14.18 10.05 0.97
CA ASN B 271 13.77 11.17 1.79
C ASN B 271 12.57 11.88 1.20
N PHE B 272 11.87 12.65 2.03
CA PHE B 272 10.77 13.45 1.53
C PHE B 272 10.53 14.67 2.40
N ARG B 273 9.70 15.58 1.93
CA ARG B 273 9.39 16.75 2.72
C ARG B 273 8.01 16.61 3.35
N PHE B 274 7.86 17.25 4.50
CA PHE B 274 6.55 17.35 5.12
C PHE B 274 6.55 18.53 6.05
N ALA B 275 5.38 18.86 6.57
CA ALA B 275 5.26 20.09 7.33
C ALA B 275 4.32 20.05 8.51
N LYS B 276 4.50 21.03 9.38
CA LYS B 276 3.68 21.18 10.57
C LYS B 276 3.10 22.57 10.47
N TYR B 277 1.77 22.66 10.48
CA TYR B 277 1.13 23.94 10.30
C TYR B 277 0.63 24.51 11.63
N TYR B 278 0.80 25.82 11.79
CA TYR B 278 0.44 26.48 13.04
C TYR B 278 -0.29 27.81 12.78
N LYS B 279 -1.52 27.90 13.25
CA LYS B 279 -2.23 29.17 13.17
C LYS B 279 -1.65 30.11 14.20
N ASN B 280 -0.81 31.04 13.72
CA ASN B 280 -0.25 32.09 14.54
C ASN B 280 -1.38 32.87 15.23
N SER B 281 -1.08 33.45 16.39
CA SER B 281 -2.07 34.22 17.16
C SER B 281 -2.60 35.41 16.37
N ASP B 282 -1.82 35.87 15.39
CA ASP B 282 -2.22 36.97 14.52
C ASP B 282 -3.23 36.51 13.48
N GLY B 283 -3.55 35.22 13.49
CA GLY B 283 -4.44 34.63 12.50
C GLY B 283 -3.73 34.21 11.23
N THR B 284 -2.50 34.66 11.05
CA THR B 284 -1.68 34.30 9.88
C THR B 284 -1.06 32.90 10.02
N GLU B 285 -0.89 32.21 8.90
CA GLU B 285 -0.33 30.86 8.88
C GLU B 285 1.18 30.79 8.83
N THR B 286 1.74 29.87 9.60
CA THR B 286 3.18 29.58 9.54
C THR B 286 3.36 28.07 9.56
N ARG B 287 4.44 27.60 8.95
CA ARG B 287 4.69 26.16 8.89
C ARG B 287 6.15 25.83 9.09
N THR B 288 6.41 24.63 9.59
CA THR B 288 7.77 24.15 9.74
C THR B 288 8.09 23.08 8.70
N LEU B 289 8.99 23.40 7.78
CA LEU B 289 9.33 22.47 6.71
C LEU B 289 10.44 21.53 7.13
N ILE B 290 10.25 20.25 6.87
CA ILE B 290 11.15 19.22 7.32
C ILE B 290 11.54 18.31 6.17
N LYS B 291 12.81 18.39 5.77
CA LYS B 291 13.38 17.46 4.80
C LYS B 291 13.88 16.24 5.56
N GLY B 292 13.02 15.23 5.69
CA GLY B 292 13.32 14.03 6.45
C GLY B 292 13.97 12.95 5.63
N TYR B 293 15.14 12.49 6.07
CA TYR B 293 15.79 11.34 5.50
C TYR B 293 15.50 10.19 6.42
N GLY B 294 15.42 8.98 5.88
CA GLY B 294 15.22 7.80 6.69
C GLY B 294 15.27 6.52 5.90
N ILE B 295 15.08 5.40 6.58
CA ILE B 295 15.00 4.11 5.92
C ILE B 295 13.56 3.65 5.84
N ARG B 296 13.07 3.38 4.63
CA ARG B 296 11.73 2.85 4.48
C ARG B 296 11.77 1.33 4.44
N PHE B 297 10.99 0.68 5.28
CA PHE B 297 10.97 -0.78 5.28
C PHE B 297 9.78 -1.35 4.50
N ASP B 298 10.08 -2.04 3.40
CA ASP B 298 9.04 -2.69 2.61
C ASP B 298 8.91 -4.16 2.98
N VAL B 299 7.80 -4.53 3.62
CA VAL B 299 7.53 -5.92 3.91
C VAL B 299 6.93 -6.63 2.69
N MET B 300 7.75 -7.43 2.04
CA MET B 300 7.35 -8.09 0.81
C MET B 300 7.07 -9.55 1.09
N VAL B 301 5.79 -9.89 1.12
CA VAL B 301 5.39 -11.26 1.40
C VAL B 301 5.00 -12.00 0.13
N PHE B 302 5.49 -13.23 0.02
CA PHE B 302 5.18 -14.06 -1.15
C PHE B 302 5.39 -15.54 -0.83
N GLY B 303 4.90 -16.40 -1.70
CA GLY B 303 5.08 -17.83 -1.51
C GLY B 303 4.20 -18.69 -2.39
N GLN B 304 4.39 -20.00 -2.25
CA GLN B 304 3.67 -20.98 -3.05
C GLN B 304 3.53 -22.26 -2.25
N ALA B 305 2.53 -23.07 -2.59
CA ALA B 305 2.30 -24.33 -1.90
C ALA B 305 1.53 -25.30 -2.80
N GLY B 306 1.46 -26.57 -2.40
CA GLY B 306 0.71 -27.56 -3.16
C GLY B 306 0.63 -28.95 -2.54
N LYS B 307 -0.58 -29.51 -2.53
CA LYS B 307 -0.81 -30.89 -2.11
C LYS B 307 -0.78 -31.81 -3.32
N PHE B 308 -1.00 -33.11 -3.11
CA PHE B 308 -1.06 -34.07 -4.20
C PHE B 308 -2.29 -33.85 -5.09
N ASN B 309 -2.19 -34.26 -6.35
CA ASN B 309 -3.32 -34.19 -7.27
C ASN B 309 -3.15 -35.17 -8.43
N ILE B 310 -4.22 -35.88 -8.78
CA ILE B 310 -4.16 -36.87 -9.84
C ILE B 310 -4.04 -36.23 -11.22
N ILE B 311 -4.63 -35.06 -11.39
CA ILE B 311 -4.62 -34.39 -12.70
C ILE B 311 -3.20 -34.16 -13.23
N PRO B 312 -2.33 -33.54 -12.41
CA PRO B 312 -0.94 -33.24 -12.79
C PRO B 312 -0.04 -34.48 -12.80
N THR B 313 -0.30 -35.41 -11.89
CA THR B 313 0.49 -36.64 -11.81
C THR B 313 0.32 -37.49 -13.07
N LEU B 314 -0.93 -37.78 -13.42
CA LEU B 314 -1.21 -38.57 -14.62
C LEU B 314 -0.68 -37.88 -15.87
N LEU B 315 -0.80 -36.56 -15.90
CA LEU B 315 -0.36 -35.77 -17.04
C LEU B 315 1.13 -35.99 -17.25
N ASN B 316 1.90 -35.83 -16.19
CA ASN B 316 3.35 -35.95 -16.27
C ASN B 316 3.79 -37.38 -16.55
N ILE B 317 3.09 -38.34 -15.94
CA ILE B 317 3.37 -39.76 -16.18
C ILE B 317 3.07 -40.12 -17.64
N GLY B 318 1.99 -39.55 -18.19
CA GLY B 318 1.61 -39.79 -19.57
C GLY B 318 2.71 -39.42 -20.54
N ALA B 319 3.32 -38.26 -20.33
CA ALA B 319 4.41 -37.79 -21.17
C ALA B 319 5.69 -38.61 -20.96
N GLY B 320 5.82 -39.19 -19.77
CA GLY B 320 6.96 -40.04 -19.45
C GLY B 320 6.95 -41.31 -20.27
N LEU B 321 5.74 -41.77 -20.60
CA LEU B 321 5.55 -42.94 -21.45
C LEU B 321 5.92 -42.64 -22.91
N ALA B 322 5.40 -41.53 -23.42
CA ALA B 322 5.71 -41.11 -24.78
C ALA B 322 7.21 -40.80 -24.88
N LEU B 323 7.78 -40.30 -23.79
CA LEU B 323 9.21 -39.96 -23.74
C LEU B 323 10.10 -41.21 -23.77
N LEU B 324 9.58 -42.34 -23.29
CA LEU B 324 10.31 -43.61 -23.34
C LEU B 324 10.32 -44.17 -24.76
N GLY B 325 9.33 -43.78 -25.55
CA GLY B 325 9.23 -44.19 -26.94
C GLY B 325 10.32 -43.54 -27.79
N LEU B 326 10.54 -42.24 -27.57
CA LEU B 326 11.60 -41.54 -28.27
C LEU B 326 12.99 -41.91 -27.72
N VAL B 327 13.04 -42.25 -26.43
CA VAL B 327 14.31 -42.63 -25.79
C VAL B 327 14.87 -43.92 -26.39
N ASN B 328 13.98 -44.80 -26.84
CA ASN B 328 14.38 -45.99 -27.60
C ASN B 328 15.04 -45.60 -28.92
N VAL B 329 14.59 -44.49 -29.48
CA VAL B 329 15.16 -43.97 -30.73
C VAL B 329 16.49 -43.23 -30.51
N ILE B 330 16.74 -42.79 -29.28
CA ILE B 330 17.97 -42.08 -28.94
C ILE B 330 19.18 -43.01 -28.82
N CYS B 331 18.96 -44.21 -28.29
CA CYS B 331 20.01 -45.22 -28.17
C CYS B 331 20.21 -45.93 -29.51
N ASP B 332 19.20 -45.85 -30.37
CA ASP B 332 19.31 -46.35 -31.72
C ASP B 332 20.34 -45.55 -32.53
N TRP B 333 20.27 -44.22 -32.43
CA TRP B 333 21.23 -43.36 -33.11
C TRP B 333 22.61 -43.45 -32.48
N ILE B 334 22.63 -43.74 -31.17
CA ILE B 334 23.88 -43.93 -30.43
C ILE B 334 24.56 -45.24 -30.87
N VAL B 335 23.74 -46.18 -31.33
CA VAL B 335 24.22 -47.45 -31.85
C VAL B 335 24.81 -47.27 -33.25
N LEU B 336 24.45 -46.17 -33.91
CA LEU B 336 24.88 -45.87 -35.27
C LEU B 336 24.34 -46.89 -36.28
N LEU C 9 0.39 -40.47 -46.04
CA LEU C 9 0.15 -39.26 -45.27
C LEU C 9 0.73 -39.36 -43.87
N ASN C 10 1.09 -40.58 -43.47
CA ASN C 10 1.64 -40.84 -42.13
C ASN C 10 2.96 -40.10 -41.91
N ARG C 11 3.70 -39.88 -42.99
CA ARG C 11 4.97 -39.16 -42.93
C ARG C 11 4.72 -37.66 -43.03
N PHE C 12 3.54 -37.29 -43.53
CA PHE C 12 3.16 -35.89 -43.67
C PHE C 12 2.64 -35.27 -42.37
N THR C 13 1.78 -35.99 -41.67
CA THR C 13 1.27 -35.54 -40.38
C THR C 13 2.40 -35.48 -39.34
N GLN C 14 3.32 -36.43 -39.44
CA GLN C 14 4.47 -36.49 -38.54
C GLN C 14 5.40 -35.27 -38.72
N ALA C 15 5.45 -34.75 -39.94
CA ALA C 15 6.21 -33.53 -40.21
C ALA C 15 5.40 -32.28 -39.84
N LEU C 16 4.09 -32.47 -39.65
CA LEU C 16 3.19 -31.39 -39.26
C LEU C 16 3.22 -31.14 -37.75
N VAL C 17 3.16 -32.21 -36.97
CA VAL C 17 3.21 -32.12 -35.52
C VAL C 17 4.60 -31.69 -35.02
N ILE C 18 5.66 -32.12 -35.71
CA ILE C 18 7.01 -31.68 -35.37
C ILE C 18 7.17 -30.18 -35.61
N ALA C 19 6.52 -29.67 -36.67
CA ALA C 19 6.53 -28.24 -36.97
C ALA C 19 5.48 -27.51 -36.13
N TYR C 20 4.62 -28.28 -35.50
CA TYR C 20 3.57 -27.73 -34.64
C TYR C 20 4.08 -27.50 -33.22
N VAL C 21 4.85 -28.45 -32.70
CA VAL C 21 5.41 -28.32 -31.36
C VAL C 21 6.66 -27.44 -31.35
N ILE C 22 7.69 -27.84 -32.08
CA ILE C 22 8.93 -27.07 -32.12
C ILE C 22 8.69 -25.69 -32.75
N GLY C 23 7.89 -25.66 -33.81
CA GLY C 23 7.69 -24.44 -34.57
C GLY C 23 6.66 -23.48 -33.99
N TYR C 24 5.55 -24.04 -33.50
CA TYR C 24 4.46 -23.23 -32.99
C TYR C 24 4.51 -22.99 -31.48
N VAL C 25 4.42 -24.09 -30.72
CA VAL C 25 4.30 -24.00 -29.27
C VAL C 25 5.63 -23.74 -28.57
N CYS C 26 6.73 -23.70 -29.31
CA CYS C 26 8.02 -23.53 -28.67
C CYS C 26 8.78 -22.28 -29.11
N VAL C 27 8.12 -21.43 -29.89
CA VAL C 27 8.69 -20.13 -30.22
C VAL C 27 7.60 -19.07 -30.11
N TYR C 28 6.44 -19.35 -30.71
CA TYR C 28 5.23 -18.54 -30.54
C TYR C 28 4.59 -18.57 -29.14
N ASN C 29 4.49 -19.77 -28.56
CA ASN C 29 4.04 -19.96 -27.19
C ASN C 29 5.20 -20.12 -26.21
N LYS C 30 6.38 -20.44 -26.74
CA LYS C 30 7.59 -20.56 -25.92
C LYS C 30 7.37 -21.44 -24.69
N GLY C 31 6.75 -22.60 -24.90
CA GLY C 31 6.36 -23.49 -23.81
C GLY C 31 7.47 -24.27 -23.14
N TYR C 32 8.71 -24.08 -23.59
CA TYR C 32 9.87 -24.79 -23.02
C TYR C 32 10.49 -24.07 -21.81
N GLN C 33 9.91 -22.94 -21.42
CA GLN C 33 10.39 -22.16 -20.28
C GLN C 33 9.55 -22.41 -19.02
N ASP C 34 10.16 -22.24 -17.84
CA ASP C 34 9.40 -22.23 -16.58
C ASP C 34 9.02 -20.79 -16.25
N THR C 35 7.80 -20.54 -15.79
CA THR C 35 7.34 -19.18 -15.51
C THR C 35 7.70 -18.68 -14.10
N ASP C 36 7.73 -17.35 -13.93
CA ASP C 36 7.95 -16.72 -12.61
C ASP C 36 7.43 -15.27 -12.57
N THR C 37 6.60 -14.98 -11.59
CA THR C 37 6.03 -13.64 -11.42
C THR C 37 7.01 -12.70 -10.73
N VAL C 38 6.80 -11.40 -10.92
CA VAL C 38 7.74 -10.40 -10.42
C VAL C 38 7.50 -10.00 -8.97
N LEU C 39 8.58 -9.83 -8.21
CA LEU C 39 8.48 -9.27 -6.86
C LEU C 39 8.89 -7.80 -6.90
N SER C 40 7.92 -6.90 -6.74
CA SER C 40 8.14 -5.50 -7.02
C SER C 40 8.29 -4.59 -5.81
N SER C 41 8.90 -3.44 -6.05
CA SER C 41 9.03 -2.39 -5.06
C SER C 41 9.24 -1.08 -5.81
N VAL C 42 8.46 -0.06 -5.49
CA VAL C 42 8.56 1.23 -6.16
C VAL C 42 8.82 2.39 -5.23
N THR C 43 9.17 3.53 -5.81
CA THR C 43 9.51 4.73 -5.07
C THR C 43 9.22 5.90 -5.97
N THR C 44 8.41 6.84 -5.49
CA THR C 44 8.07 8.01 -6.26
C THR C 44 8.60 9.27 -5.59
N LYS C 45 8.91 10.30 -6.38
CA LYS C 45 9.16 11.64 -5.83
C LYS C 45 8.65 12.68 -6.81
N VAL C 46 7.61 13.39 -6.40
CA VAL C 46 7.00 14.42 -7.23
C VAL C 46 7.67 15.77 -7.03
N LYS C 47 7.99 16.45 -8.14
CA LYS C 47 8.60 17.77 -8.07
C LYS C 47 7.77 18.79 -8.85
N GLY C 48 7.52 19.93 -8.22
CA GLY C 48 6.85 21.04 -8.87
C GLY C 48 6.41 22.06 -7.83
N ILE C 49 5.96 23.23 -8.27
CA ILE C 49 5.22 24.14 -7.40
C ILE C 49 4.09 24.77 -8.17
N ALA C 50 3.10 25.26 -7.44
CA ALA C 50 1.91 25.82 -8.08
C ALA C 50 1.44 27.07 -7.34
N LEU C 51 0.97 28.03 -8.13
CA LEU C 51 0.48 29.28 -7.59
C LEU C 51 -1.05 29.29 -7.58
N THR C 52 -1.63 30.12 -6.72
CA THR C 52 -3.07 30.36 -6.80
C THR C 52 -3.44 31.77 -6.37
N ASN C 53 -4.06 32.52 -7.28
CA ASN C 53 -4.72 33.77 -6.92
C ASN C 53 -6.14 33.46 -6.47
N THR C 54 -6.30 33.05 -5.22
CA THR C 54 -7.62 32.80 -4.68
C THR C 54 -8.44 34.08 -4.78
N SER C 55 -9.74 33.98 -4.58
CA SER C 55 -10.59 35.15 -4.65
C SER C 55 -10.09 36.23 -3.69
N GLU C 56 -10.16 35.93 -2.39
CA GLU C 56 -9.84 36.90 -1.35
C GLU C 56 -8.44 36.74 -0.77
N LEU C 57 -7.95 35.49 -0.74
CA LEU C 57 -6.67 35.17 -0.10
C LEU C 57 -5.43 35.65 -0.88
N GLY C 58 -5.65 36.02 -2.13
CA GLY C 58 -4.55 36.53 -2.96
C GLY C 58 -3.51 35.49 -3.28
N GLU C 59 -2.46 35.90 -3.99
CA GLU C 59 -1.43 34.96 -4.41
C GLU C 59 -1.02 34.02 -3.28
N ARG C 60 -0.89 32.73 -3.62
CA ARG C 60 -0.51 31.68 -2.66
C ARG C 60 0.22 30.54 -3.37
N ILE C 61 1.29 30.04 -2.74
CA ILE C 61 2.08 28.94 -3.30
C ILE C 61 1.82 27.63 -2.58
N TRP C 62 1.85 26.55 -3.35
CA TRP C 62 1.60 25.21 -2.84
C TRP C 62 2.73 24.35 -3.32
N ASP C 63 3.67 24.03 -2.43
CA ASP C 63 4.80 23.24 -2.91
C ASP C 63 4.47 21.76 -2.94
N VAL C 64 4.05 21.33 -4.15
CA VAL C 64 3.65 19.95 -4.42
C VAL C 64 4.41 18.96 -3.56
N ALA C 65 5.66 19.27 -3.24
CA ALA C 65 6.41 18.45 -2.31
C ALA C 65 5.56 18.33 -1.04
N ASP C 66 5.49 19.41 -0.28
CA ASP C 66 4.96 19.33 1.07
C ASP C 66 3.49 19.63 1.19
N TYR C 67 3.04 20.64 0.46
CA TYR C 67 1.69 21.13 0.65
C TYR C 67 0.70 20.38 -0.27
N ILE C 68 1.23 19.78 -1.33
CA ILE C 68 0.36 19.23 -2.38
C ILE C 68 0.06 17.75 -2.27
N ILE C 69 0.84 17.03 -1.48
CA ILE C 69 0.69 15.57 -1.47
C ILE C 69 0.31 14.97 -0.13
N PRO C 70 -1.01 14.88 0.14
CA PRO C 70 -1.55 14.20 1.32
C PRO C 70 -1.89 12.73 1.04
N PRO C 71 -1.23 11.81 1.76
CA PRO C 71 -0.03 12.10 2.51
C PRO C 71 1.06 11.56 1.60
N GLN C 72 2.17 11.08 2.15
CA GLN C 72 3.26 10.57 1.32
C GLN C 72 3.32 9.04 1.33
N GLU C 73 2.48 8.42 0.51
CA GLU C 73 2.31 6.98 0.48
C GLU C 73 3.49 6.22 -0.13
N ASP C 74 3.43 4.89 -0.02
CA ASP C 74 4.49 3.98 -0.49
C ASP C 74 4.65 3.94 -2.01
N GLY C 75 3.94 3.00 -2.65
CA GLY C 75 3.86 2.90 -4.08
C GLY C 75 3.11 4.09 -4.68
N SER C 76 1.78 4.03 -4.64
CA SER C 76 0.93 5.09 -5.19
C SER C 76 1.09 6.45 -4.49
N PHE C 77 0.60 7.50 -5.12
CA PHE C 77 0.67 8.87 -4.57
C PHE C 77 -0.44 9.77 -5.10
N PHE C 78 -0.74 10.82 -4.35
CA PHE C 78 -1.91 11.64 -4.63
C PHE C 78 -1.63 13.13 -4.70
N VAL C 79 -1.88 13.68 -5.87
CA VAL C 79 -1.58 15.07 -6.18
C VAL C 79 -2.83 15.93 -6.05
N LEU C 80 -2.81 16.85 -5.11
CA LEU C 80 -3.92 17.78 -4.93
C LEU C 80 -4.02 18.73 -6.12
N THR C 81 -5.21 18.87 -6.68
CA THR C 81 -5.40 19.67 -7.89
C THR C 81 -6.49 20.73 -7.75
N ASN C 82 -7.48 20.44 -6.89
CA ASN C 82 -8.60 21.33 -6.65
C ASN C 82 -9.09 21.18 -5.20
N MET C 83 -9.89 22.13 -4.72
CA MET C 83 -10.26 22.15 -3.30
C MET C 83 -11.39 23.11 -2.90
N ILE C 84 -12.00 22.83 -1.76
CA ILE C 84 -13.01 23.72 -1.17
C ILE C 84 -12.69 23.82 0.31
N ILE C 85 -12.16 24.96 0.70
CA ILE C 85 -11.59 25.13 2.03
C ILE C 85 -12.57 25.76 3.02
N THR C 86 -12.90 25.03 4.07
CA THR C 86 -13.75 25.55 5.16
C THR C 86 -12.87 25.87 6.36
N THR C 87 -12.90 27.12 6.82
CA THR C 87 -11.99 27.55 7.88
C THR C 87 -12.63 27.86 9.23
N ASN C 88 -11.79 28.09 10.24
CA ASN C 88 -12.28 28.51 11.54
C ASN C 88 -13.35 27.58 12.08
N GLN C 89 -13.22 26.27 11.81
CA GLN C 89 -14.14 25.31 12.37
C GLN C 89 -13.84 25.07 13.84
N THR C 90 -14.90 24.93 14.64
CA THR C 90 -14.79 24.69 16.08
C THR C 90 -15.96 23.82 16.51
N GLN C 91 -15.76 23.06 17.58
CA GLN C 91 -16.83 22.25 18.15
C GLN C 91 -17.93 23.17 18.67
N SER C 92 -19.12 23.06 18.08
CA SER C 92 -20.22 23.97 18.39
C SER C 92 -21.54 23.46 17.78
N LYS C 93 -22.64 24.17 18.06
CA LYS C 93 -23.92 23.89 17.41
C LYS C 93 -24.20 24.93 16.31
N CYS C 94 -25.06 24.60 15.34
CA CYS C 94 -25.37 25.51 14.23
C CYS C 94 -26.40 24.92 13.26
N ALA C 95 -26.85 25.73 12.31
CA ALA C 95 -27.89 25.30 11.38
C ALA C 95 -27.38 24.34 10.32
N GLU C 96 -28.15 23.29 10.02
CA GLU C 96 -27.82 22.41 8.91
C GLU C 96 -27.92 23.19 7.61
N ASN C 97 -27.60 22.53 6.51
CA ASN C 97 -27.79 23.13 5.21
C ASN C 97 -29.22 22.92 4.73
N PRO C 98 -29.80 23.93 4.04
CA PRO C 98 -31.17 23.82 3.53
C PRO C 98 -31.38 22.57 2.67
N THR C 99 -32.36 21.76 3.04
CA THR C 99 -32.64 20.50 2.36
C THR C 99 -34.01 19.99 2.78
N PRO C 100 -34.78 19.42 1.84
CA PRO C 100 -36.11 18.87 2.13
C PRO C 100 -36.11 18.01 3.38
N ALA C 101 -35.05 17.23 3.59
CA ALA C 101 -34.94 16.35 4.75
C ALA C 101 -34.53 17.11 6.03
N SER C 102 -33.78 18.19 5.85
CA SER C 102 -33.24 18.98 6.95
C SER C 102 -34.14 20.13 7.40
N THR C 103 -34.94 20.67 6.47
CA THR C 103 -35.80 21.79 6.75
C THR C 103 -36.81 21.47 7.85
N CYS C 104 -37.15 22.48 8.64
CA CYS C 104 -38.06 22.29 9.77
C CYS C 104 -38.96 23.50 9.94
N THR C 105 -40.16 23.24 10.45
CA THR C 105 -41.12 24.29 10.76
C THR C 105 -40.99 24.75 12.21
N SER C 106 -40.55 23.85 13.08
CA SER C 106 -40.44 24.14 14.51
C SER C 106 -39.71 23.05 15.28
N HIS C 107 -39.65 23.23 16.59
CA HIS C 107 -38.96 22.30 17.49
C HIS C 107 -39.43 20.85 17.33
N ARG C 108 -40.62 20.67 16.77
CA ARG C 108 -41.22 19.35 16.63
C ARG C 108 -40.54 18.49 15.57
N ASP C 109 -40.09 19.11 14.48
CA ASP C 109 -39.48 18.37 13.38
C ASP C 109 -38.07 17.84 13.70
N CYS C 110 -37.31 18.63 14.48
CA CYS C 110 -35.96 18.25 14.86
C CYS C 110 -35.95 17.21 15.98
N LYS C 111 -35.47 16.00 15.68
CA LYS C 111 -35.27 14.95 16.68
C LYS C 111 -33.80 14.85 17.10
N ARG C 112 -33.54 14.88 18.41
CA ARG C 112 -32.16 14.82 18.91
C ARG C 112 -31.47 13.47 18.62
N GLY C 113 -30.36 13.54 17.89
CA GLY C 113 -29.59 12.36 17.50
C GLY C 113 -29.86 11.81 16.10
N PHE C 114 -31.14 11.64 15.76
CA PHE C 114 -31.51 10.92 14.54
C PHE C 114 -31.35 11.76 13.27
N ASN C 115 -31.89 12.98 13.32
CA ASN C 115 -31.72 13.92 12.22
C ASN C 115 -30.26 14.31 12.08
N ASP C 116 -29.45 13.81 13.02
CA ASP C 116 -28.01 14.04 13.03
C ASP C 116 -27.25 13.36 11.89
N ALA C 117 -27.26 12.04 11.88
CA ALA C 117 -26.56 11.26 10.85
C ALA C 117 -26.54 11.88 9.42
N ARG C 118 -27.65 12.44 8.96
CA ARG C 118 -27.78 12.89 7.56
C ARG C 118 -26.85 14.04 7.10
N GLY C 119 -27.00 15.21 7.71
CA GLY C 119 -26.31 16.41 7.25
C GLY C 119 -24.92 16.69 7.80
N ASP C 120 -24.16 15.64 8.13
CA ASP C 120 -22.78 15.82 8.62
C ASP C 120 -22.67 16.68 9.89
N GLY C 121 -23.45 16.30 10.90
CA GLY C 121 -23.46 16.96 12.19
C GLY C 121 -24.58 16.32 13.01
N VAL C 122 -24.44 16.29 14.33
CA VAL C 122 -25.48 15.67 15.16
C VAL C 122 -26.53 16.68 15.60
N ARG C 123 -27.79 16.34 15.31
CA ARG C 123 -28.93 17.22 15.55
C ARG C 123 -29.28 17.26 17.02
N THR C 124 -29.37 18.47 17.56
CA THR C 124 -29.99 18.66 18.86
C THR C 124 -31.45 18.96 18.55
N GLY C 125 -32.35 18.58 19.45
CA GLY C 125 -33.78 18.76 19.23
C GLY C 125 -34.19 20.15 18.77
N ARG C 126 -33.39 21.15 19.15
CA ARG C 126 -33.67 22.55 18.79
C ARG C 126 -33.79 22.79 17.28
N CYS C 127 -34.72 23.67 16.90
CA CYS C 127 -34.82 24.15 15.52
C CYS C 127 -34.41 25.61 15.39
N VAL C 128 -33.52 25.88 14.45
CA VAL C 128 -33.00 27.24 14.28
C VAL C 128 -33.06 27.69 12.83
N SER C 129 -32.90 29.00 12.64
CA SER C 129 -32.95 29.60 11.33
C SER C 129 -31.59 29.49 10.66
N TYR C 130 -31.58 28.94 9.46
CA TYR C 130 -30.39 28.91 8.62
C TYR C 130 -30.10 30.32 8.11
N SER C 131 -31.16 31.11 8.06
CA SER C 131 -31.12 32.50 7.62
C SER C 131 -32.44 33.14 8.02
N ALA C 132 -32.66 34.39 7.60
CA ALA C 132 -33.91 35.07 7.91
C ALA C 132 -35.13 34.41 7.26
N SER C 133 -35.00 34.07 5.98
CA SER C 133 -36.12 33.53 5.19
C SER C 133 -36.44 32.07 5.45
N VAL C 134 -35.44 31.29 5.86
CA VAL C 134 -35.61 29.86 6.06
C VAL C 134 -35.06 29.38 7.41
N LYS C 135 -35.52 28.21 7.83
CA LYS C 135 -35.11 27.62 9.11
C LYS C 135 -34.96 26.12 8.98
N THR C 136 -33.95 25.59 9.66
CA THR C 136 -33.60 24.17 9.56
C THR C 136 -32.99 23.67 10.87
N CYS C 137 -32.95 22.35 11.03
CA CYS C 137 -32.51 21.71 12.27
C CYS C 137 -31.09 22.08 12.72
N GLU C 138 -30.97 22.47 13.99
CA GLU C 138 -29.68 22.73 14.59
C GLU C 138 -28.91 21.44 14.82
N VAL C 139 -27.62 21.47 14.52
CA VAL C 139 -26.76 20.32 14.71
C VAL C 139 -25.46 20.77 15.37
N LEU C 140 -24.97 19.96 16.32
CA LEU C 140 -23.64 20.17 16.81
C LEU C 140 -22.72 19.41 15.87
N SER C 141 -21.51 19.94 15.66
CA SER C 141 -20.65 19.50 14.58
C SER C 141 -19.43 20.42 14.54
N TRP C 142 -18.59 20.24 13.52
CA TRP C 142 -17.53 21.18 13.26
C TRP C 142 -18.14 22.37 12.53
N CYS C 143 -18.11 23.55 13.17
CA CYS C 143 -18.83 24.71 12.68
C CYS C 143 -17.93 25.92 12.50
N PRO C 144 -18.20 26.73 11.46
CA PRO C 144 -19.35 26.64 10.55
C PRO C 144 -19.31 25.44 9.60
N LEU C 145 -20.50 24.90 9.24
CA LEU C 145 -20.62 23.77 8.31
C LEU C 145 -19.85 24.05 7.02
N GLU C 146 -19.60 23.00 6.25
CA GLU C 146 -19.00 23.19 4.95
C GLU C 146 -20.09 23.64 4.00
N LYS C 147 -19.89 24.78 3.35
CA LYS C 147 -20.86 25.27 2.37
C LYS C 147 -21.05 24.20 1.29
N ILE C 148 -22.28 24.07 0.82
CA ILE C 148 -22.52 23.17 -0.30
C ILE C 148 -22.34 23.92 -1.61
N VAL C 149 -21.19 23.71 -2.25
CA VAL C 149 -20.85 24.45 -3.46
C VAL C 149 -20.02 23.57 -4.39
N ASP C 150 -20.00 23.91 -5.66
CA ASP C 150 -19.21 23.14 -6.62
C ASP C 150 -17.73 23.53 -6.56
N PRO C 151 -16.84 22.62 -6.98
CA PRO C 151 -15.41 22.91 -6.91
C PRO C 151 -15.04 23.95 -7.96
N PRO C 152 -13.99 24.75 -7.69
CA PRO C 152 -13.57 25.81 -8.62
C PRO C 152 -13.21 25.25 -9.98
N ASN C 153 -13.40 26.08 -11.00
CA ASN C 153 -13.02 25.75 -12.36
C ASN C 153 -12.60 27.02 -13.11
N PRO C 154 -11.38 27.01 -13.67
CA PRO C 154 -10.41 25.90 -13.65
C PRO C 154 -9.95 25.53 -12.22
N PRO C 155 -9.24 24.39 -12.08
CA PRO C 155 -8.74 23.95 -10.78
C PRO C 155 -7.72 24.93 -10.21
N LEU C 156 -7.66 25.08 -8.90
CA LEU C 156 -6.71 26.01 -8.30
C LEU C 156 -5.29 25.54 -8.56
N LEU C 157 -5.04 24.27 -8.27
CA LEU C 157 -3.73 23.70 -8.49
C LEU C 157 -3.63 23.23 -9.95
N ALA C 158 -4.03 24.10 -10.86
CA ALA C 158 -4.01 23.79 -12.28
C ALA C 158 -2.58 23.67 -12.79
N ASP C 159 -1.64 24.28 -12.05
CA ASP C 159 -0.22 24.22 -12.38
C ASP C 159 0.30 22.79 -12.26
N ALA C 160 -0.56 21.92 -11.75
CA ALA C 160 -0.25 20.52 -11.52
C ALA C 160 0.13 19.78 -12.79
N GLU C 161 -0.39 20.24 -13.92
CA GLU C 161 -0.23 19.54 -15.17
C GLU C 161 1.25 19.40 -15.46
N ASN C 162 1.98 20.46 -15.12
CA ASN C 162 3.41 20.63 -15.43
C ASN C 162 4.34 20.00 -14.37
N PHE C 163 3.77 19.35 -13.37
CA PHE C 163 4.60 18.66 -12.38
C PHE C 163 5.24 17.46 -13.00
N THR C 164 6.16 16.87 -12.26
CA THR C 164 6.85 15.72 -12.77
C THR C 164 7.15 14.75 -11.64
N VAL C 165 6.95 13.47 -11.91
CA VAL C 165 7.21 12.44 -10.93
C VAL C 165 8.32 11.49 -11.37
N LEU C 166 9.34 11.40 -10.52
CA LEU C 166 10.36 10.37 -10.67
C LEU C 166 9.87 9.04 -10.10
N ILE C 167 9.96 8.00 -10.90
CA ILE C 167 9.45 6.70 -10.50
C ILE C 167 10.56 5.69 -10.59
N LYS C 168 11.07 5.29 -9.43
CA LYS C 168 12.10 4.28 -9.40
C LYS C 168 11.42 2.93 -9.19
N ASN C 169 11.89 1.88 -9.85
CA ASN C 169 11.29 0.55 -9.71
C ASN C 169 12.30 -0.58 -9.75
N ASN C 170 12.60 -1.14 -8.58
CA ASN C 170 13.46 -2.30 -8.47
C ASN C 170 12.59 -3.56 -8.48
N ILE C 171 12.94 -4.52 -9.32
CA ILE C 171 12.19 -5.78 -9.36
C ILE C 171 13.10 -7.01 -9.31
N ARG C 172 12.52 -8.15 -8.94
CA ARG C 172 13.27 -9.40 -8.83
C ARG C 172 12.39 -10.61 -9.11
N TYR C 173 13.00 -11.62 -9.72
CA TYR C 173 12.37 -12.92 -9.90
C TYR C 173 13.00 -13.91 -8.95
N PRO C 174 12.28 -14.26 -7.89
CA PRO C 174 12.77 -15.15 -6.84
C PRO C 174 13.32 -16.45 -7.42
N LYS C 175 12.53 -17.12 -8.25
CA LYS C 175 12.91 -18.42 -8.81
C LYS C 175 14.27 -18.38 -9.50
N PHE C 176 14.46 -17.42 -10.39
CA PHE C 176 15.68 -17.33 -11.17
C PHE C 176 16.77 -16.49 -10.52
N ASN C 177 16.62 -16.20 -9.23
CA ASN C 177 17.58 -15.35 -8.52
C ASN C 177 18.12 -14.24 -9.42
N PHE C 178 17.20 -13.51 -10.04
CA PHE C 178 17.56 -12.47 -10.98
C PHE C 178 16.80 -11.21 -10.68
N ASN C 179 17.47 -10.07 -10.75
CA ASN C 179 16.81 -8.80 -10.51
C ASN C 179 17.40 -7.63 -11.29
N LYS C 180 16.61 -6.57 -11.45
CA LYS C 180 17.01 -5.44 -12.27
C LYS C 180 16.18 -4.20 -11.92
N ARG C 181 16.61 -3.04 -12.38
CA ARG C 181 15.98 -1.76 -12.02
C ARG C 181 15.64 -0.94 -13.27
N ASN C 182 14.54 -0.20 -13.21
CA ASN C 182 14.05 0.56 -14.35
C ASN C 182 14.97 1.68 -14.82
N ILE C 183 16.04 1.90 -14.07
CA ILE C 183 17.11 2.79 -14.51
C ILE C 183 18.24 1.96 -15.10
N LEU C 184 18.27 1.86 -16.42
CA LEU C 184 19.25 1.03 -17.10
C LEU C 184 20.68 1.55 -16.88
N PRO C 185 21.67 0.65 -16.88
CA PRO C 185 23.07 0.95 -16.53
C PRO C 185 23.75 1.88 -17.54
N ASN C 186 23.23 1.89 -18.76
CA ASN C 186 23.77 2.73 -19.81
C ASN C 186 23.18 4.14 -19.71
N ILE C 187 23.16 4.71 -18.51
CA ILE C 187 22.55 6.04 -18.36
C ILE C 187 23.32 7.01 -17.46
N ASN C 188 23.66 8.17 -18.03
CA ASN C 188 24.32 9.28 -17.33
C ASN C 188 23.46 9.77 -16.17
N SER C 189 24.09 10.27 -15.12
CA SER C 189 23.36 10.86 -13.99
C SER C 189 22.92 12.27 -14.33
N SER C 190 23.76 12.99 -15.06
CA SER C 190 23.40 14.32 -15.55
C SER C 190 22.21 14.19 -16.49
N TYR C 191 22.06 13.02 -17.10
CA TYR C 191 20.95 12.82 -18.03
C TYR C 191 19.63 12.91 -17.27
N LEU C 192 19.55 12.20 -16.16
CA LEU C 192 18.35 12.16 -15.33
C LEU C 192 18.17 13.47 -14.57
N THR C 193 19.15 14.36 -14.69
CA THR C 193 19.09 15.68 -14.06
C THR C 193 18.00 16.55 -14.70
N HIS C 194 17.68 16.31 -15.96
CA HIS C 194 16.74 17.18 -16.66
C HIS C 194 15.96 16.47 -17.77
N CYS C 195 16.20 15.18 -17.95
CA CYS C 195 15.41 14.44 -18.91
C CYS C 195 13.94 14.39 -18.47
N VAL C 196 13.07 14.09 -19.42
CA VAL C 196 11.65 13.88 -19.15
C VAL C 196 11.09 12.92 -20.18
N PHE C 197 10.46 11.86 -19.69
CA PHE C 197 9.94 10.80 -20.52
C PHE C 197 9.12 11.27 -21.73
N SER C 198 9.29 10.54 -22.83
CA SER C 198 8.50 10.72 -24.03
C SER C 198 8.76 9.49 -24.89
N ARG C 199 7.69 8.88 -25.41
CA ARG C 199 7.82 7.62 -26.13
C ARG C 199 8.84 7.73 -27.24
N LYS C 200 8.79 8.85 -27.97
CA LYS C 200 9.67 9.12 -29.10
C LYS C 200 11.13 9.31 -28.71
N THR C 201 11.46 10.53 -28.27
CA THR C 201 12.84 10.93 -27.99
C THR C 201 13.51 10.18 -26.82
N ASP C 202 13.02 10.39 -25.59
CA ASP C 202 13.60 9.78 -24.38
C ASP C 202 12.69 8.70 -23.77
N PRO C 203 12.87 7.45 -24.20
CA PRO C 203 12.04 6.33 -23.73
C PRO C 203 12.54 5.73 -22.43
N ASP C 204 13.79 6.03 -22.08
CA ASP C 204 14.43 5.48 -20.89
C ASP C 204 14.48 6.47 -19.74
N CYS C 205 13.76 7.56 -19.86
CA CYS C 205 13.71 8.58 -18.82
C CYS C 205 12.58 8.31 -17.84
N PRO C 206 12.92 7.90 -16.62
CA PRO C 206 11.94 7.48 -15.60
C PRO C 206 11.25 8.65 -14.92
N ILE C 207 11.54 9.87 -15.35
CA ILE C 207 10.87 11.03 -14.81
C ILE C 207 9.72 11.43 -15.75
N PHE C 208 8.49 11.14 -15.35
CA PHE C 208 7.35 11.42 -16.20
C PHE C 208 6.66 12.72 -15.80
N ARG C 209 6.31 13.55 -16.78
CA ARG C 209 5.48 14.71 -16.49
C ARG C 209 4.07 14.20 -16.24
N LEU C 210 3.36 14.87 -15.35
CA LEU C 210 2.01 14.44 -15.00
C LEU C 210 1.06 14.55 -16.18
N GLY C 211 0.96 15.74 -16.77
CA GLY C 211 0.18 15.92 -17.98
C GLY C 211 0.41 14.85 -19.05
N ASP C 212 1.67 14.57 -19.37
CA ASP C 212 1.98 13.54 -20.35
C ASP C 212 1.41 12.20 -19.93
N ILE C 213 1.41 11.94 -18.63
CA ILE C 213 0.86 10.68 -18.14
C ILE C 213 -0.63 10.60 -18.45
N VAL C 214 -1.36 11.66 -18.09
CA VAL C 214 -2.79 11.72 -18.32
C VAL C 214 -3.08 11.75 -19.80
N GLY C 215 -2.31 12.56 -20.53
CA GLY C 215 -2.46 12.67 -21.97
C GLY C 215 -2.36 11.30 -22.62
N GLU C 216 -1.18 10.70 -22.52
CA GLU C 216 -0.92 9.39 -23.10
C GLU C 216 -2.09 8.41 -22.90
N ALA C 217 -2.82 8.60 -21.81
CA ALA C 217 -3.93 7.72 -21.45
C ALA C 217 -5.21 8.14 -22.17
N GLU C 218 -5.08 9.06 -23.11
CA GLU C 218 -6.23 9.56 -23.86
C GLU C 218 -7.21 10.30 -22.97
N GLU C 219 -6.68 11.21 -22.16
CA GLU C 219 -7.52 11.98 -21.25
C GLU C 219 -7.00 13.40 -21.22
N ASP C 220 -7.65 14.23 -20.40
CA ASP C 220 -7.20 15.61 -20.33
C ASP C 220 -7.01 16.11 -18.90
N PHE C 221 -5.76 16.45 -18.57
CA PHE C 221 -5.41 16.81 -17.21
C PHE C 221 -6.30 17.93 -16.64
N GLN C 222 -6.62 18.92 -17.46
CA GLN C 222 -7.38 20.05 -16.95
C GLN C 222 -8.87 19.75 -16.69
N ILE C 223 -9.46 18.86 -17.47
CA ILE C 223 -10.85 18.47 -17.22
C ILE C 223 -10.91 17.51 -16.02
N MET C 224 -9.94 16.60 -15.95
CA MET C 224 -9.87 15.65 -14.85
C MET C 224 -9.65 16.37 -13.52
N ALA C 225 -8.56 17.14 -13.45
CA ALA C 225 -8.07 17.77 -12.23
C ALA C 225 -9.10 18.64 -11.52
N VAL C 226 -10.29 18.77 -12.10
CA VAL C 226 -11.29 19.61 -11.47
C VAL C 226 -12.06 18.81 -10.42
N ARG C 227 -12.47 17.59 -10.79
CA ARG C 227 -13.23 16.70 -9.92
C ARG C 227 -12.42 15.49 -9.44
N GLY C 228 -11.22 15.34 -10.00
CA GLY C 228 -10.33 14.26 -9.60
C GLY C 228 -10.55 12.97 -10.35
N GLY C 229 -9.60 12.05 -10.19
CA GLY C 229 -9.66 10.74 -10.81
C GLY C 229 -8.47 9.92 -10.37
N VAL C 230 -8.33 8.70 -10.91
CA VAL C 230 -7.17 7.86 -10.60
C VAL C 230 -6.54 7.29 -11.85
N MET C 231 -5.24 7.57 -11.98
CA MET C 231 -4.46 7.15 -13.13
C MET C 231 -3.65 5.89 -12.81
N GLY C 232 -3.75 4.89 -13.67
CA GLY C 232 -2.95 3.68 -13.52
C GLY C 232 -1.69 3.75 -14.34
N VAL C 233 -0.55 3.78 -13.65
CA VAL C 233 0.73 3.72 -14.32
C VAL C 233 1.21 2.28 -14.31
N GLN C 234 0.96 1.55 -15.39
CA GLN C 234 1.31 0.14 -15.42
C GLN C 234 2.73 -0.07 -15.90
N ILE C 235 3.52 -0.77 -15.11
CA ILE C 235 4.85 -1.18 -15.54
C ILE C 235 4.87 -2.70 -15.77
N ARG C 236 5.21 -3.11 -16.98
CA ARG C 236 5.24 -4.54 -17.32
C ARG C 236 6.66 -5.08 -17.55
N TRP C 237 7.07 -6.02 -16.73
CA TRP C 237 8.37 -6.71 -16.89
C TRP C 237 8.20 -8.09 -17.49
N ASP C 238 8.27 -8.17 -18.82
CA ASP C 238 8.19 -9.44 -19.52
C ASP C 238 9.53 -9.77 -20.13
N CYS C 239 10.33 -10.55 -19.41
CA CYS C 239 11.67 -10.88 -19.83
C CYS C 239 11.83 -12.33 -20.26
N ASP C 240 12.73 -12.54 -21.22
CA ASP C 240 13.14 -13.90 -21.56
C ASP C 240 14.48 -14.15 -20.89
N LEU C 241 14.47 -14.93 -19.82
CA LEU C 241 15.63 -15.14 -18.98
C LEU C 241 16.82 -15.73 -19.74
N ASP C 242 16.54 -16.68 -20.63
CA ASP C 242 17.59 -17.34 -21.42
C ASP C 242 18.31 -16.35 -22.37
N MET C 243 17.62 -15.27 -22.72
CA MET C 243 18.21 -14.13 -23.43
C MET C 243 19.14 -13.35 -22.52
N PRO C 244 19.98 -12.48 -23.10
CA PRO C 244 20.88 -11.67 -22.26
C PRO C 244 20.10 -10.80 -21.28
N GLN C 245 20.63 -10.66 -20.07
CA GLN C 245 19.98 -9.88 -19.03
C GLN C 245 19.82 -8.42 -19.49
N SER C 246 20.48 -8.07 -20.58
CA SER C 246 20.42 -6.73 -21.12
C SER C 246 19.10 -6.45 -21.86
N TRP C 247 18.44 -7.51 -22.33
CA TRP C 247 17.20 -7.38 -23.10
C TRP C 247 15.98 -7.19 -22.20
N CYS C 248 16.19 -7.32 -20.89
CA CYS C 248 15.13 -7.18 -19.90
C CYS C 248 14.82 -5.72 -19.63
N VAL C 249 13.60 -5.30 -19.95
CA VAL C 249 13.27 -3.88 -19.91
C VAL C 249 11.79 -3.70 -19.56
N PRO C 250 11.46 -2.59 -18.87
CA PRO C 250 10.10 -2.24 -18.46
C PRO C 250 9.25 -1.65 -19.58
N ARG C 251 8.01 -2.09 -19.74
CA ARG C 251 7.08 -1.45 -20.69
C ARG C 251 5.98 -0.63 -19.99
N TYR C 252 6.06 0.68 -20.15
CA TYR C 252 5.12 1.61 -19.48
C TYR C 252 3.81 1.85 -20.25
N THR C 253 2.70 1.77 -19.53
CA THR C 253 1.36 1.96 -20.09
C THR C 253 0.65 2.96 -19.21
N PHE C 254 -0.46 3.51 -19.70
CA PHE C 254 -1.21 4.49 -18.92
C PHE C 254 -2.70 4.37 -19.15
N ARG C 255 -3.44 4.21 -18.07
CA ARG C 255 -4.89 4.07 -18.11
C ARG C 255 -5.50 5.01 -17.10
N ARG C 256 -6.66 5.57 -17.44
CA ARG C 256 -7.53 6.14 -16.43
C ARG C 256 -8.30 4.98 -15.82
N LEU C 257 -8.42 4.95 -14.51
CA LEU C 257 -9.04 3.79 -13.86
C LEU C 257 -10.50 3.99 -13.44
N ASP C 258 -10.85 5.19 -12.97
CA ASP C 258 -12.22 5.45 -12.56
C ASP C 258 -13.16 5.78 -13.73
N ASN C 259 -14.45 5.71 -13.46
CA ASN C 259 -15.45 6.02 -14.48
C ASN C 259 -15.79 7.51 -14.53
N LYS C 260 -15.73 8.07 -15.73
CA LYS C 260 -16.09 9.47 -15.95
C LYS C 260 -17.62 9.67 -16.11
N ASP C 261 -18.32 8.61 -16.48
CA ASP C 261 -19.77 8.64 -16.66
C ASP C 261 -20.50 8.92 -15.34
N PRO C 262 -21.20 10.08 -15.24
CA PRO C 262 -21.92 10.45 -14.02
C PRO C 262 -22.98 9.42 -13.60
N ASP C 263 -23.66 8.83 -14.57
CA ASP C 263 -24.63 7.76 -14.30
C ASP C 263 -23.92 6.43 -14.09
N ASN C 264 -24.63 5.46 -13.52
CA ASN C 264 -24.07 4.13 -13.34
C ASN C 264 -22.88 4.09 -12.38
N ASN C 265 -22.88 5.03 -11.43
CA ASN C 265 -21.86 5.03 -10.37
C ASN C 265 -22.11 6.13 -9.35
N VAL C 266 -21.21 6.21 -8.37
CA VAL C 266 -21.25 7.23 -7.33
C VAL C 266 -19.84 7.66 -6.97
N ALA C 267 -19.73 8.75 -6.20
CA ALA C 267 -18.43 9.29 -5.83
C ALA C 267 -17.61 9.50 -7.11
N PRO C 268 -18.16 10.26 -8.07
CA PRO C 268 -17.47 10.46 -9.35
C PRO C 268 -16.11 11.12 -9.09
N GLY C 269 -15.12 10.84 -9.93
CA GLY C 269 -13.80 11.41 -9.75
C GLY C 269 -13.13 10.85 -8.51
N TYR C 270 -12.38 11.70 -7.81
CA TYR C 270 -11.64 11.26 -6.63
C TYR C 270 -11.30 12.42 -5.69
N ASN C 271 -11.64 12.26 -4.41
CA ASN C 271 -11.43 13.32 -3.45
C ASN C 271 -11.61 12.81 -2.03
N PHE C 272 -11.12 13.56 -1.06
CA PHE C 272 -11.31 13.20 0.32
C PHE C 272 -11.21 14.43 1.20
N ARG C 273 -11.68 14.33 2.43
CA ARG C 273 -11.55 15.43 3.37
C ARG C 273 -10.36 15.20 4.32
N PHE C 274 -9.69 16.28 4.70
CA PHE C 274 -8.65 16.24 5.73
C PHE C 274 -8.59 17.58 6.43
N ALA C 275 -7.79 17.68 7.50
CA ALA C 275 -7.84 18.87 8.32
C ALA C 275 -6.51 19.27 8.92
N LYS C 276 -6.47 20.54 9.34
CA LYS C 276 -5.32 21.14 9.98
C LYS C 276 -5.79 21.62 11.32
N TYR C 277 -5.16 21.15 12.39
CA TYR C 277 -5.63 21.48 13.71
C TYR C 277 -4.75 22.55 14.36
N TYR C 278 -5.38 23.48 15.06
CA TYR C 278 -4.66 24.60 15.66
C TYR C 278 -5.15 24.88 17.07
N LYS C 279 -4.25 24.76 18.04
CA LYS C 279 -4.59 25.15 19.40
C LYS C 279 -4.64 26.66 19.48
N ASN C 280 -5.86 27.18 19.46
CA ASN C 280 -6.10 28.60 19.66
C ASN C 280 -5.45 29.08 20.96
N SER C 281 -5.08 30.36 21.02
CA SER C 281 -4.44 30.93 22.21
C SER C 281 -5.33 30.85 23.45
N ASP C 282 -6.64 30.73 23.22
CA ASP C 282 -7.61 30.59 24.29
C ASP C 282 -7.61 29.17 24.85
N GLY C 283 -6.78 28.31 24.25
CA GLY C 283 -6.74 26.91 24.65
C GLY C 283 -7.77 26.05 23.93
N THR C 284 -8.74 26.69 23.29
CA THR C 284 -9.78 25.99 22.54
C THR C 284 -9.28 25.54 21.16
N GLU C 285 -9.81 24.42 20.68
CA GLU C 285 -9.41 23.86 19.38
C GLU C 285 -10.17 24.41 18.18
N THR C 286 -9.44 24.66 17.09
CA THR C 286 -10.06 25.03 15.83
C THR C 286 -9.37 24.25 14.72
N ARG C 287 -10.09 23.99 13.64
CA ARG C 287 -9.53 23.23 12.54
C ARG C 287 -9.95 23.78 11.19
N THR C 288 -9.13 23.54 10.17
CA THR C 288 -9.46 23.94 8.82
C THR C 288 -9.78 22.72 7.98
N LEU C 289 -11.04 22.62 7.59
CA LEU C 289 -11.50 21.48 6.79
C LEU C 289 -11.29 21.69 5.31
N ILE C 290 -10.73 20.68 4.66
CA ILE C 290 -10.33 20.79 3.27
C ILE C 290 -10.88 19.61 2.47
N LYS C 291 -11.79 19.91 1.54
CA LYS C 291 -12.26 18.88 0.63
C LYS C 291 -11.39 18.91 -0.61
N GLY C 292 -10.34 18.09 -0.60
CA GLY C 292 -9.38 18.08 -1.66
C GLY C 292 -9.78 17.14 -2.77
N TYR C 293 -9.82 17.69 -3.98
CA TYR C 293 -9.94 16.87 -5.18
C TYR C 293 -8.54 16.73 -5.78
N GLY C 294 -8.28 15.62 -6.46
CA GLY C 294 -7.00 15.44 -7.11
C GLY C 294 -6.94 14.16 -7.90
N ILE C 295 -5.80 13.91 -8.52
CA ILE C 295 -5.58 12.67 -9.24
C ILE C 295 -4.68 11.77 -8.43
N ARG C 296 -5.15 10.57 -8.14
CA ARG C 296 -4.31 9.60 -7.45
C ARG C 296 -3.60 8.73 -8.47
N PHE C 297 -2.28 8.62 -8.35
CA PHE C 297 -1.53 7.76 -9.27
C PHE C 297 -1.19 6.39 -8.67
N ASP C 298 -1.77 5.34 -9.26
CA ASP C 298 -1.47 3.98 -8.82
C ASP C 298 -0.40 3.34 -9.68
N VAL C 299 0.77 3.11 -9.10
CA VAL C 299 1.82 2.42 -9.83
C VAL C 299 1.62 0.91 -9.73
N MET C 300 1.14 0.33 -10.83
CA MET C 300 0.84 -1.10 -10.85
C MET C 300 1.91 -1.87 -11.59
N VAL C 301 2.70 -2.66 -10.87
CA VAL C 301 3.79 -3.41 -11.49
C VAL C 301 3.50 -4.90 -11.56
N PHE C 302 3.80 -5.51 -12.70
CA PHE C 302 3.57 -6.93 -12.88
C PHE C 302 4.42 -7.48 -14.01
N GLY C 303 4.51 -8.80 -14.11
CA GLY C 303 5.28 -9.41 -15.16
C GLY C 303 5.57 -10.89 -14.97
N GLN C 304 6.23 -11.47 -15.97
CA GLN C 304 6.54 -12.89 -15.97
C GLN C 304 7.82 -13.10 -16.75
N ALA C 305 8.51 -14.22 -16.48
CA ALA C 305 9.76 -14.56 -17.15
C ALA C 305 10.01 -16.05 -17.09
N GLY C 306 10.98 -16.52 -17.88
CA GLY C 306 11.33 -17.93 -17.88
C GLY C 306 12.51 -18.34 -18.75
N LYS C 307 13.40 -19.13 -18.17
CA LYS C 307 14.52 -19.72 -18.92
C LYS C 307 14.14 -21.12 -19.42
N PHE C 308 15.06 -21.79 -20.10
CA PHE C 308 14.81 -23.15 -20.56
C PHE C 308 14.70 -24.15 -19.41
N ASN C 309 13.98 -25.26 -19.63
CA ASN C 309 13.88 -26.31 -18.63
C ASN C 309 13.49 -27.64 -19.29
N ILE C 310 14.16 -28.71 -18.90
CA ILE C 310 13.89 -30.03 -19.47
C ILE C 310 12.54 -30.59 -19.04
N ILE C 311 12.12 -30.27 -17.82
CA ILE C 311 10.87 -30.82 -17.29
C ILE C 311 9.66 -30.48 -18.19
N PRO C 312 9.47 -29.19 -18.51
CA PRO C 312 8.35 -28.75 -19.35
C PRO C 312 8.53 -29.12 -20.84
N THR C 313 9.76 -29.12 -21.32
CA THR C 313 10.04 -29.45 -22.71
C THR C 313 9.70 -30.90 -23.02
N LEU C 314 10.22 -31.82 -22.21
CA LEU C 314 9.93 -33.24 -22.38
C LEU C 314 8.45 -33.53 -22.23
N LEU C 315 7.80 -32.86 -21.28
CA LEU C 315 6.36 -33.07 -21.02
C LEU C 315 5.46 -32.58 -22.16
N ASN C 316 5.89 -31.55 -22.88
CA ASN C 316 5.16 -31.09 -24.06
C ASN C 316 5.47 -31.95 -25.29
N ILE C 317 6.74 -32.33 -25.43
CA ILE C 317 7.16 -33.23 -26.51
C ILE C 317 6.47 -34.59 -26.39
N GLY C 318 6.35 -35.08 -25.16
CA GLY C 318 5.70 -36.35 -24.90
C GLY C 318 4.28 -36.39 -25.42
N ALA C 319 3.53 -35.32 -25.16
CA ALA C 319 2.14 -35.22 -25.62
C ALA C 319 2.07 -35.03 -27.14
N GLY C 320 3.14 -34.48 -27.72
CA GLY C 320 3.20 -34.28 -29.16
C GLY C 320 3.28 -35.61 -29.88
N LEU C 321 3.89 -36.60 -29.24
CA LEU C 321 3.97 -37.95 -29.80
C LEU C 321 2.62 -38.65 -29.72
N ALA C 322 1.99 -38.60 -28.56
CA ALA C 322 0.67 -39.20 -28.42
C ALA C 322 -0.31 -38.49 -29.34
N LEU C 323 -0.09 -37.20 -29.57
CA LEU C 323 -0.94 -36.41 -30.44
C LEU C 323 -0.80 -36.80 -31.93
N LEU C 324 0.36 -37.34 -32.30
CA LEU C 324 0.58 -37.78 -33.67
C LEU C 324 -0.04 -39.15 -33.91
N GLY C 325 -0.33 -39.85 -32.81
CA GLY C 325 -1.04 -41.12 -32.87
C GLY C 325 -2.49 -40.91 -33.22
N LEU C 326 -3.10 -39.90 -32.59
CA LEU C 326 -4.48 -39.50 -32.87
C LEU C 326 -4.60 -38.85 -34.25
N VAL C 327 -3.58 -38.09 -34.62
CA VAL C 327 -3.58 -37.37 -35.88
C VAL C 327 -3.57 -38.31 -37.09
N ASN C 328 -2.83 -39.40 -36.97
CA ASN C 328 -2.80 -40.45 -38.00
C ASN C 328 -4.12 -41.23 -38.00
N VAL C 329 -4.80 -41.22 -36.86
CA VAL C 329 -6.13 -41.85 -36.74
C VAL C 329 -7.22 -40.90 -37.23
N ILE C 330 -6.91 -39.60 -37.25
CA ILE C 330 -7.80 -38.60 -37.82
C ILE C 330 -7.62 -38.54 -39.33
N CYS C 331 -6.46 -38.96 -39.80
CA CYS C 331 -6.17 -39.06 -41.23
C CYS C 331 -6.84 -40.30 -41.82
N ASP C 332 -6.97 -41.35 -41.02
CA ASP C 332 -7.67 -42.57 -41.43
C ASP C 332 -9.18 -42.32 -41.59
N TRP C 333 -9.74 -41.45 -40.75
CA TRP C 333 -11.16 -41.14 -40.81
C TRP C 333 -11.51 -40.12 -41.91
#